data_7HIN
#
_entry.id   7HIN
#
_cell.length_a   87.664
_cell.length_b   87.664
_cell.length_c   85.849
_cell.angle_alpha   90.00
_cell.angle_beta   90.00
_cell.angle_gamma   120.00
#
_symmetry.space_group_name_H-M   'P 31'
#
loop_
_entity.id
_entity.type
_entity.pdbx_description
1 polymer 'Non-structural protein 3'
2 non-polymer 'DIMETHYL SULFOXIDE'
3 non-polymer 2-AMINO-2-HYDROXYMETHYL-PROPANE-1,3-DIOL
4 non-polymer 'CHLORIDE ION'
5 non-polymer 1-({5-[(1R)-1-(4-bromo-3-fluorophenyl)ethyl]-1,2,4-oxadiazol-3-yl}methyl)pyridin-2(1H)-one
6 water water
#
_entity_poly.entity_id   1
_entity_poly.type   'polypeptide(L)'
_entity_poly.pdbx_seq_one_letter_code
;GAMAPSYRVKRMDIAKNDEECVVNAANPRGLPGDGVCKAVYKKWPESFKNSATPVGTAKTVMCGTYPVIHAVGPNFSNYT
ESEGDRELAAAYREVAKEVTRLGVNSVAIPLLSTGVYSGGKDRLTQSLNHLFTAMDSTDADVVIYCRDKEWEKKISEAIQ
MRT
;
_entity_poly.pdbx_strand_id   A,B,C,D
#
loop_
_chem_comp.id
_chem_comp.type
_chem_comp.name
_chem_comp.formula
A1BCH non-polymer 1-({5-[(1R)-1-(4-bromo-3-fluorophenyl)ethyl]-1,2,4-oxadiazol-3-yl}methyl)pyridin-2(1H)-one 'C16 H13 Br F N3 O2'
CL non-polymer 'CHLORIDE ION' 'Cl -1'
DMS non-polymer 'DIMETHYL SULFOXIDE' 'C2 H6 O S'
TRS non-polymer 2-AMINO-2-HYDROXYMETHYL-PROPANE-1,3-DIOL 'C4 H12 N O3 1'
#
# COMPACT_ATOMS: atom_id res chain seq x y z
N GLY A 1 -14.12 4.24 19.79
CA GLY A 1 -15.45 4.17 19.19
C GLY A 1 -15.84 5.44 18.48
N ALA A 2 -16.90 5.37 17.64
CA ALA A 2 -17.38 6.58 16.97
C ALA A 2 -18.09 7.47 17.99
N MET A 3 -18.05 8.82 17.83
CA MET A 3 -18.69 9.71 18.82
C MET A 3 -20.22 9.55 18.91
N ALA A 4 -20.85 9.24 17.76
CA ALA A 4 -22.31 9.01 17.70
C ALA A 4 -22.50 7.86 16.74
N PRO A 5 -22.26 6.63 17.24
CA PRO A 5 -22.30 5.44 16.34
C PRO A 5 -23.54 5.38 15.43
N SER A 6 -23.33 5.19 14.13
CA SER A 6 -24.42 5.20 13.16
C SER A 6 -24.38 4.00 12.22
N TYR A 7 -25.51 3.80 11.48
CA TYR A 7 -25.63 2.88 10.35
C TYR A 7 -25.88 3.74 9.10
N ARG A 8 -25.20 3.38 8.02
CA ARG A 8 -25.42 4.01 6.71
C ARG A 8 -25.43 2.91 5.64
N VAL A 9 -25.97 3.21 4.44
CA VAL A 9 -25.91 2.25 3.34
C VAL A 9 -25.41 2.95 2.09
N LYS A 10 -24.55 2.26 1.33
CA LYS A 10 -24.05 2.78 0.05
C LYS A 10 -24.20 1.72 -1.03
N ARG A 11 -24.59 2.13 -2.25
CA ARG A 11 -24.73 1.19 -3.37
C ARG A 11 -23.48 1.35 -4.26
N MET A 12 -22.49 0.49 -4.03
CA MET A 12 -21.21 0.53 -4.74
C MET A 12 -20.38 -0.68 -4.28
N ASP A 13 -19.27 -0.91 -4.98
CA ASP A 13 -18.36 -2.02 -4.70
C ASP A 13 -17.67 -1.79 -3.35
N ILE A 14 -17.85 -2.75 -2.43
CA ILE A 14 -17.23 -2.68 -1.08
C ILE A 14 -15.69 -2.64 -1.14
N ALA A 15 -15.10 -3.09 -2.28
CA ALA A 15 -13.64 -2.96 -2.43
C ALA A 15 -13.17 -1.49 -2.52
N LYS A 16 -14.11 -0.52 -2.70
CA LYS A 16 -13.79 0.91 -2.75
C LYS A 16 -14.24 1.62 -1.43
N ASN A 17 -14.45 0.83 -0.32
CA ASN A 17 -15.00 1.43 0.90
C ASN A 17 -14.10 2.50 1.54
N ASP A 18 -14.70 3.35 2.38
CA ASP A 18 -13.99 4.43 3.07
C ASP A 18 -13.98 4.18 4.59
N GLU A 19 -13.96 2.89 5.00
CA GLU A 19 -13.96 2.49 6.39
C GLU A 19 -12.63 1.87 6.86
N GLU A 20 -12.49 1.69 8.19
CA GLU A 20 -11.21 1.23 8.74
C GLU A 20 -10.95 -0.27 8.59
N CYS A 21 -11.98 -1.02 8.21
CA CYS A 21 -11.84 -2.45 7.97
C CYS A 21 -13.02 -2.93 7.12
N VAL A 22 -12.88 -4.14 6.55
CA VAL A 22 -13.94 -4.66 5.70
C VAL A 22 -14.32 -6.07 6.14
N VAL A 23 -15.60 -6.43 5.92
CA VAL A 23 -16.05 -7.80 6.15
C VAL A 23 -16.21 -8.42 4.77
N ASN A 24 -15.56 -9.58 4.55
CA ASN A 24 -15.72 -10.31 3.30
C ASN A 24 -16.85 -11.35 3.49
N ALA A 25 -17.71 -11.50 2.48
CA ALA A 25 -18.74 -12.55 2.46
C ALA A 25 -18.00 -13.77 1.90
N ALA A 26 -17.27 -14.45 2.78
CA ALA A 26 -16.34 -15.51 2.41
C ALA A 26 -16.96 -16.91 2.22
N ASN A 27 -16.17 -17.80 1.56
CA ASN A 27 -16.55 -19.21 1.52
C ASN A 27 -15.70 -19.91 2.59
N PRO A 28 -16.09 -21.11 3.03
CA PRO A 28 -15.34 -21.76 4.13
C PRO A 28 -13.90 -22.17 3.80
N ARG A 29 -13.56 -22.24 2.53
CA ARG A 29 -12.27 -22.74 2.10
C ARG A 29 -11.23 -21.68 1.79
N GLY A 30 -11.60 -20.41 1.97
CA GLY A 30 -10.66 -19.34 1.66
C GLY A 30 -10.36 -19.20 0.18
N LEU A 31 -11.30 -19.64 -0.67
CA LEU A 31 -11.09 -19.55 -2.13
C LEU A 31 -11.51 -18.15 -2.65
N PRO A 32 -11.00 -17.73 -3.83
CA PRO A 32 -11.42 -16.42 -4.38
C PRO A 32 -12.92 -16.21 -4.57
N GLY A 33 -13.63 -17.28 -4.89
CA GLY A 33 -15.09 -17.21 -4.96
C GLY A 33 -15.65 -16.36 -6.06
N ASP A 34 -16.83 -15.75 -5.81
CA ASP A 34 -17.58 -14.93 -6.73
C ASP A 34 -18.24 -13.73 -6.00
N GLY A 35 -18.79 -12.76 -6.74
CA GLY A 35 -19.46 -11.61 -6.14
C GLY A 35 -18.56 -10.77 -5.23
N VAL A 36 -19.03 -10.44 -4.00
CA VAL A 36 -18.22 -9.67 -3.03
C VAL A 36 -16.85 -10.35 -2.80
N CYS A 37 -16.86 -11.68 -2.61
CA CYS A 37 -15.64 -12.44 -2.30
C CYS A 37 -14.56 -12.25 -3.37
N LYS A 38 -14.98 -12.29 -4.63
CA LYS A 38 -14.00 -12.11 -5.73
C LYS A 38 -13.46 -10.64 -5.76
N ALA A 39 -14.34 -9.67 -5.49
CA ALA A 39 -13.87 -8.25 -5.45
C ALA A 39 -12.86 -8.07 -4.32
N VAL A 40 -13.14 -8.71 -3.16
CA VAL A 40 -12.25 -8.66 -2.01
C VAL A 40 -10.92 -9.33 -2.35
N TYR A 41 -10.96 -10.49 -3.07
CA TYR A 41 -9.74 -11.18 -3.45
C TYR A 41 -8.89 -10.31 -4.37
N LYS A 42 -9.54 -9.60 -5.29
CA LYS A 42 -8.77 -8.75 -6.24
C LYS A 42 -8.12 -7.56 -5.51
N LYS A 43 -8.80 -7.01 -4.49
CA LYS A 43 -8.29 -5.82 -3.80
C LYS A 43 -7.29 -6.13 -2.67
N TRP A 44 -7.52 -7.22 -1.93
CA TRP A 44 -6.71 -7.58 -0.77
C TRP A 44 -6.33 -9.06 -0.83
N PRO A 45 -5.65 -9.50 -1.89
CA PRO A 45 -5.35 -10.95 -2.02
C PRO A 45 -4.50 -11.50 -0.87
N GLU A 46 -3.62 -10.67 -0.31
CA GLU A 46 -2.76 -11.11 0.81
C GLU A 46 -3.59 -11.57 2.03
N SER A 47 -4.86 -11.03 2.16
CA SER A 47 -5.67 -11.41 3.28
C SER A 47 -6.26 -12.83 3.16
N PHE A 48 -5.97 -13.54 2.05
CA PHE A 48 -6.52 -14.90 1.91
C PHE A 48 -5.48 -15.98 2.37
N LYS A 49 -4.37 -15.55 3.00
CA LYS A 49 -3.43 -16.51 3.57
C LYS A 49 -4.06 -17.12 4.81
N ASN A 50 -4.37 -18.42 4.77
CA ASN A 50 -4.97 -19.11 5.92
C ASN A 50 -6.27 -18.44 6.39
N SER A 51 -7.10 -18.06 5.42
CA SER A 51 -8.40 -17.45 5.77
C SER A 51 -9.55 -18.49 5.87
N ALA A 52 -9.31 -19.75 5.50
CA ALA A 52 -10.34 -20.80 5.61
C ALA A 52 -10.86 -20.90 7.05
N THR A 53 -12.20 -21.03 7.22
CA THR A 53 -12.82 -21.06 8.55
C THR A 53 -14.21 -21.65 8.38
N PRO A 54 -14.80 -22.27 9.42
CA PRO A 54 -16.09 -22.93 9.22
C PRO A 54 -17.28 -21.99 9.03
N VAL A 55 -18.39 -22.59 8.55
CA VAL A 55 -19.64 -21.82 8.43
C VAL A 55 -20.06 -21.31 9.81
N GLY A 56 -20.56 -20.07 9.86
CA GLY A 56 -21.00 -19.48 11.11
C GLY A 56 -19.90 -18.80 11.92
N THR A 57 -18.70 -18.71 11.34
CA THR A 57 -17.56 -18.09 12.03
C THR A 57 -16.96 -16.93 11.24
N ALA A 58 -16.05 -16.17 11.89
CA ALA A 58 -15.34 -15.10 11.22
C ALA A 58 -13.87 -15.22 11.58
N LYS A 59 -13.00 -14.96 10.61
CA LYS A 59 -11.56 -15.05 10.83
C LYS A 59 -10.93 -13.83 10.18
N THR A 60 -10.16 -13.04 10.95
CA THR A 60 -9.56 -11.81 10.41
C THR A 60 -8.12 -12.08 9.98
N VAL A 61 -7.77 -11.61 8.76
CA VAL A 61 -6.39 -11.65 8.25
C VAL A 61 -6.05 -10.24 7.78
N MET A 62 -4.86 -9.75 8.14
N MET A 62 -4.88 -9.73 8.18
CA MET A 62 -4.43 -8.41 7.75
CA MET A 62 -4.49 -8.37 7.74
C MET A 62 -3.88 -8.37 6.32
C MET A 62 -4.01 -8.39 6.29
N CYS A 63 -4.19 -7.27 5.60
CA CYS A 63 -3.57 -7.01 4.30
C CYS A 63 -2.77 -5.72 4.61
N GLY A 64 -1.45 -5.83 4.87
CA GLY A 64 -0.70 -4.69 5.38
C GLY A 64 -1.15 -4.49 6.82
N THR A 65 -1.73 -3.33 7.14
CA THR A 65 -2.33 -3.11 8.46
C THR A 65 -3.88 -3.04 8.34
N TYR A 66 -4.45 -3.27 7.12
CA TYR A 66 -5.90 -3.15 6.91
C TYR A 66 -6.56 -4.49 7.19
N PRO A 67 -7.50 -4.57 8.18
CA PRO A 67 -8.09 -5.88 8.51
C PRO A 67 -9.19 -6.31 7.57
N VAL A 68 -9.13 -7.60 7.16
CA VAL A 68 -10.21 -8.16 6.35
C VAL A 68 -10.80 -9.27 7.22
N ILE A 69 -12.10 -9.11 7.61
CA ILE A 69 -12.76 -10.06 8.48
C ILE A 69 -13.55 -11.02 7.57
N HIS A 70 -13.06 -12.27 7.42
CA HIS A 70 -13.73 -13.21 6.52
C HIS A 70 -14.88 -13.86 7.29
N ALA A 71 -16.12 -13.52 6.92
CA ALA A 71 -17.29 -14.04 7.66
C ALA A 71 -18.03 -15.04 6.75
N VAL A 72 -18.20 -16.28 7.25
CA VAL A 72 -18.78 -17.32 6.42
C VAL A 72 -20.25 -17.57 6.75
N GLY A 73 -21.13 -17.02 5.92
CA GLY A 73 -22.55 -17.30 6.05
C GLY A 73 -22.85 -18.65 5.45
N PRO A 74 -23.99 -19.22 5.83
CA PRO A 74 -24.39 -20.53 5.29
C PRO A 74 -24.89 -20.42 3.86
N ASN A 75 -24.72 -21.51 3.10
CA ASN A 75 -25.32 -21.60 1.76
C ASN A 75 -26.69 -22.26 1.94
N PHE A 76 -27.76 -21.49 1.75
CA PHE A 76 -29.11 -21.98 1.95
C PHE A 76 -29.53 -23.06 0.93
N SER A 77 -28.70 -23.30 -0.10
CA SER A 77 -28.98 -24.46 -0.97
C SER A 77 -28.69 -25.77 -0.17
N ASN A 78 -27.75 -25.73 0.81
CA ASN A 78 -27.33 -26.92 1.55
C ASN A 78 -27.98 -27.05 2.92
N TYR A 79 -28.24 -25.93 3.60
CA TYR A 79 -28.80 -25.96 4.93
C TYR A 79 -30.32 -25.89 4.89
N THR A 80 -30.98 -26.40 5.96
CA THR A 80 -32.42 -26.20 6.10
C THR A 80 -32.64 -24.70 6.48
N GLU A 81 -33.88 -24.21 6.35
CA GLU A 81 -34.14 -22.80 6.77
C GLU A 81 -33.79 -22.58 8.26
N SER A 82 -34.16 -23.52 9.15
CA SER A 82 -33.88 -23.39 10.57
C SER A 82 -32.37 -23.37 10.87
N GLU A 83 -31.61 -24.33 10.33
CA GLU A 83 -30.18 -24.41 10.60
C GLU A 83 -29.42 -23.27 9.96
N GLY A 84 -29.83 -22.91 8.76
CA GLY A 84 -29.17 -21.81 8.05
C GLY A 84 -29.42 -20.50 8.80
N ASP A 85 -30.64 -20.31 9.30
CA ASP A 85 -30.92 -19.08 10.06
C ASP A 85 -30.02 -18.96 11.29
N ARG A 86 -29.80 -20.09 11.98
CA ARG A 86 -28.94 -20.10 13.16
C ARG A 86 -27.48 -19.77 12.78
N GLU A 87 -26.96 -20.38 11.68
CA GLU A 87 -25.57 -20.11 11.29
C GLU A 87 -25.38 -18.68 10.78
N LEU A 88 -26.41 -18.12 10.14
CA LEU A 88 -26.31 -16.73 9.62
C LEU A 88 -26.23 -15.77 10.82
N ALA A 89 -27.08 -16.00 11.84
CA ALA A 89 -27.02 -15.14 13.04
C ALA A 89 -25.64 -15.28 13.73
N ALA A 90 -25.10 -16.51 13.77
CA ALA A 90 -23.82 -16.77 14.41
C ALA A 90 -22.67 -16.07 13.68
N ALA A 91 -22.66 -16.09 12.32
CA ALA A 91 -21.57 -15.43 11.60
C ALA A 91 -21.55 -13.93 11.96
N TYR A 92 -22.75 -13.30 12.04
CA TYR A 92 -22.75 -11.87 12.38
C TYR A 92 -22.29 -11.63 13.84
N ARG A 93 -22.66 -12.52 14.80
CA ARG A 93 -22.16 -12.35 16.17
C ARG A 93 -20.60 -12.39 16.18
N GLU A 94 -20.00 -13.30 15.36
CA GLU A 94 -18.54 -13.38 15.31
C GLU A 94 -17.94 -12.12 14.67
N VAL A 95 -18.62 -11.53 13.68
CA VAL A 95 -18.14 -10.26 13.11
C VAL A 95 -18.12 -9.17 14.20
N ALA A 96 -19.18 -9.09 15.03
CA ALA A 96 -19.20 -8.08 16.10
C ALA A 96 -18.05 -8.24 17.09
N LYS A 97 -17.72 -9.51 17.43
CA LYS A 97 -16.58 -9.75 18.33
C LYS A 97 -15.27 -9.27 17.67
N GLU A 98 -15.10 -9.56 16.35
CA GLU A 98 -13.85 -9.16 15.69
C GLU A 98 -13.73 -7.65 15.59
N VAL A 99 -14.83 -6.96 15.20
CA VAL A 99 -14.81 -5.50 15.09
C VAL A 99 -14.44 -4.90 16.47
N THR A 100 -15.01 -5.48 17.54
CA THR A 100 -14.69 -4.94 18.90
C THR A 100 -13.21 -5.18 19.23
N ARG A 101 -12.73 -6.40 18.98
CA ARG A 101 -11.33 -6.75 19.29
C ARG A 101 -10.31 -5.85 18.54
N LEU A 102 -10.64 -5.52 17.28
CA LEU A 102 -9.77 -4.70 16.45
C LEU A 102 -9.70 -3.23 16.88
N GLY A 103 -10.70 -2.76 17.64
CA GLY A 103 -10.71 -1.38 18.13
C GLY A 103 -10.98 -0.33 17.06
N VAL A 104 -11.50 -0.78 15.87
CA VAL A 104 -11.77 0.14 14.77
C VAL A 104 -12.95 1.07 15.11
N ASN A 105 -12.96 2.25 14.47
CA ASN A 105 -14.09 3.16 14.62
C ASN A 105 -15.13 3.04 13.50
N SER A 106 -14.85 2.23 12.45
CA SER A 106 -15.82 2.05 11.37
C SER A 106 -15.54 0.69 10.69
N VAL A 107 -16.57 0.14 10.04
CA VAL A 107 -16.49 -1.16 9.35
C VAL A 107 -17.43 -1.15 8.16
N ALA A 108 -16.94 -1.69 7.00
CA ALA A 108 -17.76 -1.84 5.77
C ALA A 108 -18.25 -3.30 5.78
N ILE A 109 -19.56 -3.50 5.59
N ILE A 109 -19.59 -3.52 5.70
CA ILE A 109 -20.11 -4.84 5.66
CA ILE A 109 -20.19 -4.85 5.77
C ILE A 109 -21.13 -5.09 4.58
C ILE A 109 -21.16 -5.12 4.63
N PRO A 110 -21.06 -6.29 3.99
CA PRO A 110 -22.09 -6.70 2.98
C PRO A 110 -23.20 -7.52 3.71
N LEU A 111 -24.38 -7.75 3.06
CA LEU A 111 -25.40 -8.60 3.69
C LEU A 111 -25.07 -10.07 3.36
N LEU A 112 -24.62 -10.80 4.39
CA LEU A 112 -24.23 -12.22 4.22
C LEU A 112 -25.41 -13.07 3.75
N SER A 113 -25.08 -14.10 2.93
CA SER A 113 -26.05 -15.10 2.43
C SER A 113 -27.20 -14.52 1.60
N THR A 114 -26.99 -13.33 0.99
CA THR A 114 -28.02 -12.74 0.11
C THR A 114 -27.78 -12.89 -1.40
N GLY A 115 -26.59 -13.36 -1.76
CA GLY A 115 -26.23 -13.55 -3.17
C GLY A 115 -26.35 -15.01 -3.55
N VAL A 116 -25.24 -15.62 -4.05
CA VAL A 116 -25.31 -17.02 -4.50
C VAL A 116 -25.51 -18.02 -3.35
N TYR A 117 -25.37 -17.60 -2.08
CA TYR A 117 -25.70 -18.48 -0.95
C TYR A 117 -27.16 -18.31 -0.48
N SER A 118 -28.00 -17.52 -1.20
CA SER A 118 -29.38 -17.30 -0.73
C SER A 118 -30.34 -18.46 -1.02
N GLY A 119 -29.91 -19.45 -1.78
CA GLY A 119 -30.81 -20.55 -2.15
C GLY A 119 -31.98 -20.05 -3.00
N GLY A 120 -31.76 -18.97 -3.74
CA GLY A 120 -32.77 -18.39 -4.64
C GLY A 120 -33.90 -17.61 -3.99
N LYS A 121 -33.72 -17.23 -2.72
CA LYS A 121 -34.74 -16.50 -1.97
C LYS A 121 -34.24 -15.09 -1.64
N ASP A 122 -35.19 -14.16 -1.44
CA ASP A 122 -34.89 -12.77 -1.05
C ASP A 122 -34.69 -12.82 0.44
N ARG A 123 -33.42 -12.58 0.89
CA ARG A 123 -33.10 -12.64 2.32
C ARG A 123 -32.61 -11.29 2.87
N LEU A 124 -32.99 -10.17 2.21
CA LEU A 124 -32.59 -8.84 2.70
C LEU A 124 -32.99 -8.63 4.18
N THR A 125 -34.30 -8.77 4.51
CA THR A 125 -34.74 -8.51 5.88
C THR A 125 -34.13 -9.46 6.88
N GLN A 126 -34.06 -10.74 6.50
CA GLN A 126 -33.48 -11.76 7.41
C GLN A 126 -32.02 -11.44 7.74
N SER A 127 -31.24 -11.17 6.70
CA SER A 127 -29.81 -10.96 6.89
C SER A 127 -29.56 -9.62 7.61
N LEU A 128 -30.29 -8.55 7.18
CA LEU A 128 -30.10 -7.23 7.81
C LEU A 128 -30.50 -7.25 9.28
N ASN A 129 -31.58 -7.96 9.63
CA ASN A 129 -31.97 -8.02 11.04
C ASN A 129 -30.93 -8.75 11.87
N HIS A 130 -30.29 -9.81 11.29
CA HIS A 130 -29.24 -10.48 12.06
C HIS A 130 -28.01 -9.56 12.20
N LEU A 131 -27.74 -8.72 11.17
CA LEU A 131 -26.64 -7.76 11.23
C LEU A 131 -26.91 -6.77 12.40
N PHE A 132 -28.15 -6.23 12.46
CA PHE A 132 -28.47 -5.29 13.54
C PHE A 132 -28.36 -5.98 14.90
N THR A 133 -28.89 -7.23 15.03
CA THR A 133 -28.82 -7.91 16.35
C THR A 133 -27.39 -8.01 16.87
N ALA A 134 -26.44 -8.29 15.95
CA ALA A 134 -25.06 -8.41 16.37
C ALA A 134 -24.36 -7.04 16.59
N MET A 135 -24.59 -6.09 15.67
CA MET A 135 -23.82 -4.86 15.65
C MET A 135 -24.38 -3.76 16.55
N ASP A 136 -25.64 -3.87 16.98
CA ASP A 136 -26.22 -2.79 17.78
C ASP A 136 -25.45 -2.45 19.05
N SER A 137 -24.83 -3.47 19.68
CA SER A 137 -24.11 -3.24 20.93
C SER A 137 -22.67 -2.76 20.70
N THR A 138 -22.22 -2.66 19.43
CA THR A 138 -20.88 -2.14 19.16
C THR A 138 -20.96 -0.63 18.95
N ASP A 139 -19.83 0.07 19.09
CA ASP A 139 -19.84 1.52 18.89
C ASP A 139 -19.12 1.95 17.60
N ALA A 140 -18.87 1.00 16.67
CA ALA A 140 -18.27 1.38 15.40
C ALA A 140 -19.35 1.97 14.47
N ASP A 141 -18.96 2.94 13.58
CA ASP A 141 -19.84 3.36 12.52
C ASP A 141 -19.92 2.20 11.51
N VAL A 142 -21.15 1.76 11.15
CA VAL A 142 -21.29 0.63 10.24
C VAL A 142 -21.79 1.14 8.90
N VAL A 143 -21.11 0.74 7.81
CA VAL A 143 -21.57 1.16 6.48
C VAL A 143 -21.86 -0.12 5.71
N ILE A 144 -23.14 -0.32 5.34
CA ILE A 144 -23.57 -1.52 4.63
C ILE A 144 -23.46 -1.26 3.13
N TYR A 145 -22.87 -2.22 2.40
CA TYR A 145 -22.70 -2.05 0.95
C TYR A 145 -23.63 -3.00 0.20
N CYS A 146 -24.26 -2.50 -0.85
CA CYS A 146 -25.15 -3.34 -1.66
C CYS A 146 -24.95 -2.95 -3.15
N ARG A 147 -25.54 -3.68 -4.09
CA ARG A 147 -25.38 -3.31 -5.50
C ARG A 147 -26.70 -3.00 -6.20
N ASP A 148 -27.84 -3.44 -5.63
CA ASP A 148 -29.14 -3.23 -6.28
C ASP A 148 -29.85 -1.97 -5.80
N LYS A 149 -30.43 -1.18 -6.74
CA LYS A 149 -31.07 0.08 -6.38
C LYS A 149 -32.28 -0.10 -5.45
N GLU A 150 -33.08 -1.16 -5.68
CA GLU A 150 -34.25 -1.40 -4.82
C GLU A 150 -33.78 -1.85 -3.43
N TRP A 151 -32.68 -2.63 -3.36
CA TRP A 151 -32.16 -3.05 -2.06
C TRP A 151 -31.63 -1.84 -1.30
N GLU A 152 -30.97 -0.90 -1.99
CA GLU A 152 -30.46 0.31 -1.32
C GLU A 152 -31.61 1.08 -0.63
N LYS A 153 -32.73 1.24 -1.34
CA LYS A 153 -33.88 1.96 -0.79
C LYS A 153 -34.46 1.24 0.43
N LYS A 154 -34.62 -0.11 0.34
CA LYS A 154 -35.16 -0.91 1.44
C LYS A 154 -34.24 -0.93 2.68
N ILE A 155 -32.92 -1.03 2.46
CA ILE A 155 -31.98 -1.02 3.60
C ILE A 155 -32.02 0.36 4.24
N SER A 156 -32.02 1.43 3.42
CA SER A 156 -32.07 2.80 3.94
C SER A 156 -33.34 3.03 4.76
N GLU A 157 -34.48 2.54 4.26
CA GLU A 157 -35.75 2.67 5.00
C GLU A 157 -35.69 1.96 6.35
N ALA A 158 -35.10 0.75 6.38
CA ALA A 158 -35.00 -0.02 7.61
C ALA A 158 -34.11 0.71 8.63
N ILE A 159 -33.01 1.31 8.16
CA ILE A 159 -32.12 2.07 9.06
C ILE A 159 -32.88 3.27 9.64
N GLN A 160 -33.54 4.06 8.76
CA GLN A 160 -34.22 5.27 9.21
C GLN A 160 -35.39 5.02 10.13
N MET A 161 -36.10 3.89 9.95
CA MET A 161 -37.27 3.56 10.78
C MET A 161 -36.94 3.46 12.26
N ARG A 162 -35.69 3.05 12.60
CA ARG A 162 -35.29 2.87 13.99
C ARG A 162 -34.78 4.13 14.67
N THR A 163 -34.53 5.21 13.91
CA THR A 163 -34.01 6.46 14.48
C THR A 163 -35.08 7.40 14.98
N GLY B 1 -12.67 32.18 1.45
CA GLY B 1 -11.78 32.30 0.28
C GLY B 1 -10.34 32.13 0.64
N ALA B 2 -9.49 31.90 -0.36
CA ALA B 2 -8.05 31.76 -0.11
C ALA B 2 -7.48 33.13 0.22
N MET B 3 -6.42 33.22 1.07
CA MET B 3 -5.89 34.55 1.45
C MET B 3 -5.26 35.32 0.29
N ALA B 4 -4.68 34.61 -0.68
CA ALA B 4 -4.11 35.22 -1.89
C ALA B 4 -4.52 34.30 -3.02
N PRO B 5 -5.78 34.40 -3.50
CA PRO B 5 -6.27 33.44 -4.52
C PRO B 5 -5.31 33.22 -5.68
N SER B 6 -5.01 31.95 -6.00
CA SER B 6 -4.07 31.65 -7.04
C SER B 6 -4.58 30.59 -8.03
N TYR B 7 -3.85 30.42 -9.13
CA TYR B 7 -3.95 29.33 -10.06
C TYR B 7 -2.62 28.54 -10.00
N ARG B 8 -2.72 27.22 -10.01
CA ARG B 8 -1.56 26.32 -10.05
C ARG B 8 -1.88 25.17 -11.00
N VAL B 9 -0.85 24.46 -11.51
CA VAL B 9 -1.10 23.31 -12.36
C VAL B 9 -0.34 22.09 -11.82
N LYS B 10 -0.97 20.91 -11.88
CA LYS B 10 -0.30 19.69 -11.46
C LYS B 10 -0.50 18.62 -12.53
N ARG B 11 0.55 17.84 -12.80
CA ARG B 11 0.51 16.75 -13.77
C ARG B 11 0.35 15.44 -13.01
N MET B 12 -0.89 15.01 -12.81
CA MET B 12 -1.19 13.78 -12.07
C MET B 12 -2.69 13.51 -12.17
N ASP B 13 -3.09 12.34 -11.69
CA ASP B 13 -4.47 11.90 -11.69
C ASP B 13 -5.29 12.79 -10.72
N ILE B 14 -6.30 13.47 -11.27
CA ILE B 14 -7.16 14.35 -10.47
C ILE B 14 -7.90 13.61 -9.32
N ALA B 15 -8.01 12.26 -9.42
CA ALA B 15 -8.58 11.48 -8.30
C ALA B 15 -7.70 11.54 -7.04
N LYS B 16 -6.43 11.89 -7.17
CA LYS B 16 -5.51 12.00 -6.03
C LYS B 16 -5.31 13.44 -5.57
N ASN B 17 -6.24 14.35 -5.96
CA ASN B 17 -6.15 15.75 -5.59
C ASN B 17 -6.20 15.91 -4.10
N ASP B 18 -5.56 16.96 -3.62
CA ASP B 18 -5.57 17.31 -2.20
C ASP B 18 -6.46 18.56 -1.95
N GLU B 19 -7.29 18.97 -2.95
CA GLU B 19 -8.13 20.14 -2.82
C GLU B 19 -9.46 19.83 -2.10
N GLU B 20 -10.23 20.87 -1.78
CA GLU B 20 -11.47 20.69 -1.02
C GLU B 20 -12.64 20.14 -1.82
N CYS B 21 -12.53 20.14 -3.15
CA CYS B 21 -13.57 19.60 -4.01
C CYS B 21 -12.96 19.32 -5.38
N VAL B 22 -13.68 18.53 -6.19
CA VAL B 22 -13.20 18.19 -7.52
C VAL B 22 -14.25 18.47 -8.56
N VAL B 23 -13.79 18.82 -9.76
CA VAL B 23 -14.69 18.96 -10.92
C VAL B 23 -14.45 17.74 -11.81
N ASN B 24 -15.51 16.96 -12.09
CA ASN B 24 -15.41 15.81 -12.95
C ASN B 24 -15.70 16.31 -14.40
N ALA B 25 -14.95 15.82 -15.38
CA ALA B 25 -15.22 16.09 -16.79
C ALA B 25 -16.21 15.02 -17.18
N ALA B 26 -17.48 15.29 -16.86
CA ALA B 26 -18.57 14.32 -16.95
C ALA B 26 -19.20 14.18 -18.34
N ASN B 27 -19.94 13.06 -18.53
CA ASN B 27 -20.79 12.93 -19.67
C ASN B 27 -22.24 13.27 -19.20
N PRO B 28 -23.16 13.55 -20.14
CA PRO B 28 -24.51 13.98 -19.72
C PRO B 28 -25.34 12.94 -18.98
N ARG B 29 -24.92 11.68 -19.05
CA ARG B 29 -25.73 10.58 -18.52
C ARG B 29 -25.28 10.05 -17.18
N GLY B 30 -24.20 10.58 -16.61
CA GLY B 30 -23.71 10.07 -15.32
C GLY B 30 -23.13 8.66 -15.47
N LEU B 31 -22.55 8.36 -16.64
CA LEU B 31 -21.90 7.05 -16.86
C LEU B 31 -20.40 7.13 -16.49
N PRO B 32 -19.74 5.99 -16.22
CA PRO B 32 -18.29 5.99 -15.88
C PRO B 32 -17.36 6.68 -16.87
N GLY B 33 -17.64 6.54 -18.14
CA GLY B 33 -16.87 7.24 -19.16
C GLY B 33 -15.40 6.93 -19.32
N ASP B 34 -14.61 7.90 -19.81
CA ASP B 34 -13.17 7.76 -20.11
C ASP B 34 -12.32 8.82 -19.42
N GLY B 35 -10.99 8.66 -19.46
CA GLY B 35 -10.03 9.61 -18.91
C GLY B 35 -10.34 10.06 -17.49
N VAL B 36 -10.46 11.39 -17.28
CA VAL B 36 -10.76 11.91 -15.94
C VAL B 36 -12.02 11.28 -15.31
N CYS B 37 -13.08 11.14 -16.08
CA CYS B 37 -14.35 10.63 -15.59
C CYS B 37 -14.20 9.22 -15.05
N LYS B 38 -13.45 8.39 -15.78
CA LYS B 38 -13.23 6.99 -15.35
C LYS B 38 -12.48 6.95 -14.01
N ALA B 39 -11.53 7.87 -13.84
CA ALA B 39 -10.77 7.95 -12.62
C ALA B 39 -11.63 8.43 -11.44
N VAL B 40 -12.52 9.40 -11.73
CA VAL B 40 -13.44 9.92 -10.71
C VAL B 40 -14.43 8.83 -10.29
N TYR B 41 -14.86 7.97 -11.23
CA TYR B 41 -15.76 6.86 -10.92
C TYR B 41 -15.06 5.81 -10.08
N LYS B 42 -13.75 5.63 -10.27
CA LYS B 42 -13.00 4.61 -9.52
C LYS B 42 -12.97 4.96 -8.02
N LYS B 43 -12.97 6.25 -7.68
CA LYS B 43 -12.91 6.65 -6.27
C LYS B 43 -14.27 7.04 -5.65
N TRP B 44 -15.08 7.80 -6.40
CA TRP B 44 -16.36 8.29 -5.93
C TRP B 44 -17.53 7.78 -6.81
N PRO B 45 -17.76 6.45 -6.92
CA PRO B 45 -18.86 5.99 -7.79
C PRO B 45 -20.22 6.43 -7.29
N GLU B 46 -20.38 6.53 -5.95
CA GLU B 46 -21.65 6.97 -5.37
C GLU B 46 -21.95 8.43 -5.69
N SER B 47 -20.93 9.19 -6.13
CA SER B 47 -21.17 10.56 -6.60
C SER B 47 -21.92 10.56 -7.93
N PHE B 48 -22.03 9.40 -8.62
CA PHE B 48 -22.76 9.33 -9.87
C PHE B 48 -24.25 9.04 -9.66
N LYS B 49 -24.73 9.00 -8.39
CA LYS B 49 -26.13 8.76 -8.12
C LYS B 49 -26.89 10.01 -8.55
N ASN B 50 -27.71 9.86 -9.60
CA ASN B 50 -28.51 10.97 -10.13
C ASN B 50 -27.65 12.17 -10.55
N SER B 51 -26.50 11.87 -11.16
CA SER B 51 -25.61 12.95 -11.60
C SER B 51 -25.83 13.37 -13.08
N ALA B 52 -26.77 12.71 -13.80
CA ALA B 52 -27.08 13.07 -15.19
C ALA B 52 -27.53 14.54 -15.26
N THR B 53 -26.98 15.29 -16.23
CA THR B 53 -27.27 16.73 -16.33
C THR B 53 -26.90 17.15 -17.77
N PRO B 54 -27.57 18.16 -18.32
CA PRO B 54 -27.32 18.50 -19.73
C PRO B 54 -25.95 19.07 -20.02
N VAL B 55 -25.62 19.06 -21.34
CA VAL B 55 -24.39 19.71 -21.80
C VAL B 55 -24.44 21.20 -21.43
N GLY B 56 -23.32 21.73 -20.98
CA GLY B 56 -23.25 23.15 -20.62
C GLY B 56 -23.62 23.44 -19.17
N THR B 57 -23.86 22.37 -18.37
CA THR B 57 -24.26 22.57 -16.97
C THR B 57 -23.32 21.83 -16.01
N ALA B 58 -23.50 22.10 -14.70
CA ALA B 58 -22.75 21.39 -13.67
C ALA B 58 -23.74 20.95 -12.59
N LYS B 59 -23.54 19.73 -12.09
CA LYS B 59 -24.41 19.18 -11.04
C LYS B 59 -23.50 18.62 -9.96
N THR B 60 -23.66 19.07 -8.71
CA THR B 60 -22.80 18.61 -7.63
C THR B 60 -23.46 17.50 -6.80
N VAL B 61 -22.73 16.42 -6.52
CA VAL B 61 -23.23 15.33 -5.67
C VAL B 61 -22.25 15.23 -4.53
N MET B 62 -22.75 15.31 -3.26
CA MET B 62 -21.90 15.24 -2.09
C MET B 62 -21.61 13.80 -1.72
N CYS B 63 -20.34 13.52 -1.36
CA CYS B 63 -19.93 12.21 -0.87
C CYS B 63 -19.47 12.46 0.53
N GLY B 64 -20.40 12.43 1.49
CA GLY B 64 -20.10 12.80 2.86
C GLY B 64 -19.91 14.31 2.85
N THR B 65 -18.69 14.78 3.17
CA THR B 65 -18.42 16.23 3.09
C THR B 65 -17.64 16.63 1.83
N TYR B 66 -17.34 15.68 0.94
CA TYR B 66 -16.55 16.00 -0.23
C TYR B 66 -17.45 16.22 -1.47
N PRO B 67 -17.43 17.42 -2.05
CA PRO B 67 -18.24 17.68 -3.24
C PRO B 67 -17.60 17.27 -4.56
N VAL B 68 -18.39 16.59 -5.42
CA VAL B 68 -17.95 16.26 -6.77
C VAL B 68 -18.84 17.03 -7.70
N ILE B 69 -18.27 18.00 -8.45
CA ILE B 69 -19.04 18.86 -9.33
C ILE B 69 -18.95 18.26 -10.73
N HIS B 70 -20.03 17.64 -11.21
CA HIS B 70 -20.01 17.01 -12.53
C HIS B 70 -20.26 18.11 -13.58
N ALA B 71 -19.24 18.44 -14.39
CA ALA B 71 -19.38 19.52 -15.39
C ALA B 71 -19.36 18.91 -16.77
N VAL B 72 -20.42 19.16 -17.55
CA VAL B 72 -20.56 18.52 -18.86
C VAL B 72 -20.16 19.46 -20.00
N GLY B 73 -18.96 19.27 -20.53
CA GLY B 73 -18.54 20.03 -21.71
C GLY B 73 -19.13 19.35 -22.95
N PRO B 74 -19.18 20.09 -24.05
CA PRO B 74 -19.72 19.55 -25.30
C PRO B 74 -18.72 18.57 -25.95
N ASN B 75 -19.28 17.60 -26.72
CA ASN B 75 -18.44 16.73 -27.54
C ASN B 75 -18.36 17.37 -28.91
N PHE B 76 -17.18 17.88 -29.28
CA PHE B 76 -16.99 18.56 -30.56
C PHE B 76 -17.13 17.63 -31.79
N SER B 77 -17.26 16.30 -31.56
CA SER B 77 -17.61 15.44 -32.70
C SER B 77 -19.09 15.71 -33.10
N ASN B 78 -19.95 16.16 -32.14
CA ASN B 78 -21.38 16.38 -32.36
C ASN B 78 -21.78 17.82 -32.53
N TYR B 79 -21.13 18.70 -31.78
CA TYR B 79 -21.45 20.14 -31.87
C TYR B 79 -20.63 20.83 -32.94
N THR B 80 -21.16 21.91 -33.52
CA THR B 80 -20.35 22.74 -34.41
C THR B 80 -19.34 23.53 -33.56
N GLU B 81 -18.32 24.13 -34.21
CA GLU B 81 -17.36 24.95 -33.44
C GLU B 81 -18.09 26.11 -32.73
N SER B 82 -19.06 26.72 -33.41
CA SER B 82 -19.80 27.84 -32.84
C SER B 82 -20.61 27.40 -31.61
N GLU B 83 -21.44 26.37 -31.78
CA GLU B 83 -22.32 25.97 -30.67
C GLU B 83 -21.52 25.36 -29.54
N GLY B 84 -20.47 24.61 -29.88
CA GLY B 84 -19.63 23.98 -28.85
C GLY B 84 -18.86 25.00 -28.06
N ASP B 85 -18.42 26.10 -28.70
CA ASP B 85 -17.67 27.14 -27.95
C ASP B 85 -18.57 27.75 -26.89
N ARG B 86 -19.86 27.99 -27.24
CA ARG B 86 -20.81 28.56 -26.29
C ARG B 86 -21.08 27.57 -25.11
N GLU B 87 -21.26 26.26 -25.41
CA GLU B 87 -21.54 25.30 -24.34
C GLU B 87 -20.34 25.06 -23.43
N LEU B 88 -19.13 25.17 -24.00
CA LEU B 88 -17.92 24.95 -23.18
C LEU B 88 -17.75 26.15 -22.22
N ALA B 89 -18.01 27.38 -22.71
CA ALA B 89 -17.97 28.55 -21.83
C ALA B 89 -19.01 28.41 -20.72
N ALA B 90 -20.22 27.94 -21.08
CA ALA B 90 -21.32 27.81 -20.13
C ALA B 90 -21.02 26.79 -19.03
N ALA B 91 -20.40 25.64 -19.41
CA ALA B 91 -20.10 24.63 -18.38
C ALA B 91 -19.16 25.21 -17.34
N TYR B 92 -18.14 25.99 -17.80
CA TYR B 92 -17.22 26.59 -16.84
C TYR B 92 -17.90 27.65 -15.98
N ARG B 93 -18.82 28.44 -16.56
CA ARG B 93 -19.55 29.44 -15.76
C ARG B 93 -20.36 28.73 -14.65
N GLU B 94 -20.96 27.53 -14.96
N GLU B 94 -20.93 27.55 -14.96
CA GLU B 94 -21.71 26.81 -13.91
CA GLU B 94 -21.70 26.82 -13.94
C GLU B 94 -20.77 26.27 -12.83
C GLU B 94 -20.78 26.24 -12.85
N VAL B 95 -19.55 25.85 -13.24
CA VAL B 95 -18.56 25.39 -12.24
C VAL B 95 -18.24 26.56 -11.27
N ALA B 96 -18.04 27.79 -11.81
CA ALA B 96 -17.72 28.93 -10.94
C ALA B 96 -18.84 29.21 -9.94
N LYS B 97 -20.10 29.11 -10.40
CA LYS B 97 -21.24 29.32 -9.48
C LYS B 97 -21.25 28.24 -8.39
N GLU B 98 -20.98 26.97 -8.76
CA GLU B 98 -21.01 25.88 -7.76
C GLU B 98 -19.86 26.02 -6.76
N VAL B 99 -18.64 26.37 -7.24
CA VAL B 99 -17.50 26.56 -6.33
C VAL B 99 -17.83 27.69 -5.34
N THR B 100 -18.46 28.77 -5.84
CA THR B 100 -18.80 29.90 -4.94
C THR B 100 -19.85 29.44 -3.92
N ARG B 101 -20.89 28.76 -4.39
CA ARG B 101 -21.98 28.29 -3.48
C ARG B 101 -21.44 27.36 -2.38
N LEU B 102 -20.51 26.48 -2.74
CA LEU B 102 -19.95 25.50 -1.80
C LEU B 102 -19.09 26.15 -0.72
N GLY B 103 -18.57 27.35 -0.97
CA GLY B 103 -17.74 28.06 0.01
C GLY B 103 -16.38 27.43 0.23
N VAL B 104 -15.93 26.61 -0.74
CA VAL B 104 -14.63 25.95 -0.63
C VAL B 104 -13.51 26.95 -0.81
N ASN B 105 -12.35 26.63 -0.23
CA ASN B 105 -11.16 27.49 -0.42
C ASN B 105 -10.24 27.00 -1.54
N SER B 106 -10.48 25.80 -2.08
CA SER B 106 -9.70 25.27 -3.20
C SER B 106 -10.57 24.31 -4.01
N VAL B 107 -10.20 24.13 -5.28
CA VAL B 107 -10.91 23.24 -6.21
C VAL B 107 -9.93 22.66 -7.21
N ALA B 108 -10.08 21.35 -7.53
CA ALA B 108 -9.27 20.65 -8.51
C ALA B 108 -10.12 20.62 -9.79
N ILE B 109 -9.56 21.09 -10.91
N ILE B 109 -9.58 21.14 -10.91
CA ILE B 109 -10.33 21.16 -12.15
CA ILE B 109 -10.33 21.23 -12.17
C ILE B 109 -9.53 20.69 -13.36
C ILE B 109 -9.54 20.68 -13.35
N PRO B 110 -10.17 19.86 -14.21
CA PRO B 110 -9.50 19.43 -15.44
C PRO B 110 -9.86 20.35 -16.64
N LEU B 111 -9.18 20.24 -17.80
CA LEU B 111 -9.55 21.04 -18.95
C LEU B 111 -10.70 20.32 -19.71
N LEU B 112 -11.89 20.86 -19.59
CA LEU B 112 -13.06 20.27 -20.23
C LEU B 112 -12.93 20.26 -21.75
N SER B 113 -13.48 19.18 -22.35
CA SER B 113 -13.55 19.00 -23.82
C SER B 113 -12.18 18.89 -24.51
N THR B 114 -11.13 18.51 -23.75
CA THR B 114 -9.79 18.36 -24.35
C THR B 114 -9.35 16.92 -24.64
N GLY B 115 -10.13 15.95 -24.16
CA GLY B 115 -9.79 14.54 -24.40
C GLY B 115 -10.65 13.97 -25.52
N VAL B 116 -11.41 12.89 -25.22
CA VAL B 116 -12.25 12.27 -26.24
C VAL B 116 -13.41 13.18 -26.73
N TYR B 117 -13.71 14.30 -26.03
CA TYR B 117 -14.73 15.22 -26.54
C TYR B 117 -14.08 16.35 -27.42
N SER B 118 -12.77 16.29 -27.72
CA SER B 118 -12.14 17.38 -28.50
C SER B 118 -12.43 17.36 -29.99
N GLY B 119 -13.02 16.28 -30.51
CA GLY B 119 -13.26 16.17 -31.95
C GLY B 119 -11.94 16.08 -32.72
N GLY B 120 -10.90 15.56 -32.06
CA GLY B 120 -9.58 15.37 -32.69
C GLY B 120 -8.72 16.63 -32.80
N LYS B 121 -9.13 17.73 -32.14
CA LYS B 121 -8.40 18.99 -32.21
C LYS B 121 -7.73 19.30 -30.88
N ASP B 122 -6.62 20.05 -30.91
CA ASP B 122 -5.91 20.50 -29.71
C ASP B 122 -6.69 21.68 -29.17
N ARG B 123 -7.33 21.53 -28.00
CA ARG B 123 -8.18 22.60 -27.42
C ARG B 123 -7.66 23.12 -26.08
N LEU B 124 -6.32 23.01 -25.83
CA LEU B 124 -5.75 23.53 -24.57
C LEU B 124 -6.06 25.01 -24.40
N THR B 125 -5.71 25.86 -25.41
CA THR B 125 -5.91 27.29 -25.25
C THR B 125 -7.37 27.69 -25.14
N GLN B 126 -8.23 27.06 -25.95
CA GLN B 126 -9.65 27.35 -25.90
C GLN B 126 -10.25 27.02 -24.53
N SER B 127 -9.98 25.81 -24.07
CA SER B 127 -10.58 25.35 -22.80
C SER B 127 -10.02 26.15 -21.62
N LEU B 128 -8.70 26.42 -21.63
CA LEU B 128 -8.08 27.17 -20.53
C LEU B 128 -8.59 28.63 -20.52
N ASN B 129 -8.81 29.21 -21.69
CA ASN B 129 -9.35 30.57 -21.78
C ASN B 129 -10.75 30.63 -21.14
N HIS B 130 -11.59 29.60 -21.45
CA HIS B 130 -12.94 29.63 -20.86
C HIS B 130 -12.88 29.37 -19.35
N LEU B 131 -11.89 28.58 -18.90
CA LEU B 131 -11.74 28.28 -17.46
C LEU B 131 -11.39 29.62 -16.74
N PHE B 132 -10.40 30.36 -17.27
CA PHE B 132 -10.04 31.64 -16.67
C PHE B 132 -11.23 32.62 -16.69
N THR B 133 -11.95 32.73 -17.84
CA THR B 133 -13.07 33.68 -17.93
C THR B 133 -14.11 33.45 -16.81
N ALA B 134 -14.34 32.16 -16.48
CA ALA B 134 -15.30 31.85 -15.43
C ALA B 134 -14.71 31.98 -14.01
N MET B 135 -13.48 31.46 -13.82
CA MET B 135 -12.94 31.36 -12.46
C MET B 135 -12.23 32.62 -11.98
N ASP B 136 -11.89 33.56 -12.87
CA ASP B 136 -11.14 34.76 -12.44
C ASP B 136 -11.83 35.54 -11.31
N SER B 137 -13.17 35.60 -11.36
CA SER B 137 -13.90 36.35 -10.35
C SER B 137 -14.16 35.60 -9.05
N THR B 138 -13.71 34.32 -8.96
CA THR B 138 -13.88 33.55 -7.72
C THR B 138 -12.61 33.72 -6.87
N ASP B 139 -12.73 33.46 -5.53
CA ASP B 139 -11.54 33.59 -4.69
C ASP B 139 -10.98 32.26 -4.20
N ALA B 140 -11.41 31.12 -4.80
CA ALA B 140 -10.85 29.84 -4.40
C ALA B 140 -9.48 29.68 -5.05
N ASP B 141 -8.57 28.91 -4.40
CA ASP B 141 -7.34 28.51 -5.06
C ASP B 141 -7.74 27.46 -6.10
N VAL B 142 -7.38 27.67 -7.36
CA VAL B 142 -7.72 26.72 -8.42
C VAL B 142 -6.49 25.93 -8.78
N VAL B 143 -6.61 24.57 -8.80
CA VAL B 143 -5.51 23.72 -9.19
C VAL B 143 -5.97 22.95 -10.43
N ILE B 144 -5.34 23.23 -11.57
CA ILE B 144 -5.67 22.62 -12.85
C ILE B 144 -4.89 21.33 -12.99
N TYR B 145 -5.55 20.23 -13.36
CA TYR B 145 -4.86 18.95 -13.51
C TYR B 145 -4.73 18.60 -14.98
N CYS B 146 -3.61 17.97 -15.35
CA CYS B 146 -3.37 17.50 -16.71
C CYS B 146 -2.50 16.22 -16.62
N ARG B 147 -2.29 15.51 -17.74
CA ARG B 147 -1.43 14.32 -17.69
C ARG B 147 -0.18 14.43 -18.56
N ASP B 148 -0.21 15.29 -19.57
CA ASP B 148 0.85 15.41 -20.55
C ASP B 148 1.91 16.45 -20.15
N LYS B 149 3.20 16.10 -20.27
CA LYS B 149 4.28 17.01 -19.88
C LYS B 149 4.29 18.31 -20.68
N GLU B 150 4.01 18.23 -22.00
CA GLU B 150 4.00 19.47 -22.81
C GLU B 150 2.78 20.33 -22.43
N TRP B 151 1.64 19.69 -22.11
CA TRP B 151 0.45 20.46 -21.68
C TRP B 151 0.73 21.13 -20.33
N GLU B 152 1.42 20.44 -19.41
CA GLU B 152 1.77 21.04 -18.11
C GLU B 152 2.60 22.32 -18.29
N LYS B 153 3.60 22.27 -19.19
CA LYS B 153 4.44 23.44 -19.44
C LYS B 153 3.64 24.59 -20.03
N LYS B 154 2.77 24.29 -21.03
CA LYS B 154 1.97 25.36 -21.65
C LYS B 154 0.93 25.95 -20.69
N ILE B 155 0.32 25.12 -19.82
CA ILE B 155 -0.67 25.67 -18.85
C ILE B 155 0.08 26.54 -17.83
N SER B 156 1.24 26.05 -17.36
CA SER B 156 2.05 26.80 -16.40
C SER B 156 2.49 28.15 -16.99
N GLU B 157 2.89 28.15 -18.27
CA GLU B 157 3.31 29.40 -18.93
C GLU B 157 2.16 30.38 -19.00
N ALA B 158 0.95 29.88 -19.35
CA ALA B 158 -0.22 30.73 -19.44
C ALA B 158 -0.58 31.35 -18.08
N ILE B 159 -0.46 30.57 -16.98
CA ILE B 159 -0.74 31.11 -15.65
C ILE B 159 0.27 32.22 -15.31
N GLN B 160 1.57 31.93 -15.50
CA GLN B 160 2.60 32.89 -15.14
C GLN B 160 2.58 34.18 -15.94
N MET B 161 2.20 34.10 -17.22
CA MET B 161 2.18 35.28 -18.10
C MET B 161 1.21 36.36 -17.65
N ARG B 162 0.18 36.01 -16.86
CA ARG B 162 -0.83 36.99 -16.46
C ARG B 162 -0.49 37.78 -15.23
N THR B 163 0.59 37.42 -14.52
CA THR B 163 1.03 37.95 -13.24
C THR B 163 2.25 38.88 -13.40
N GLY C 1 27.73 -2.11 3.96
CA GLY C 1 26.73 -2.23 5.02
C GLY C 1 27.30 -1.97 6.40
N ALA C 2 26.41 -1.71 7.40
CA ALA C 2 26.89 -1.54 8.78
C ALA C 2 27.34 -2.90 9.30
N MET C 3 28.33 -2.96 10.20
CA MET C 3 28.82 -4.26 10.70
C MET C 3 27.76 -5.04 11.49
N ALA C 4 26.88 -4.33 12.22
CA ALA C 4 25.80 -4.94 13.01
C ALA C 4 24.60 -4.02 12.81
N PRO C 5 23.92 -4.16 11.66
CA PRO C 5 22.82 -3.22 11.33
C PRO C 5 21.80 -3.02 12.46
N SER C 6 21.50 -1.77 12.79
CA SER C 6 20.61 -1.46 13.91
C SER C 6 19.54 -0.45 13.54
N TYR C 7 18.55 -0.30 14.46
CA TYR C 7 17.55 0.76 14.45
C TYR C 7 17.79 1.60 15.72
N ARG C 8 17.70 2.92 15.56
CA ARG C 8 17.76 3.84 16.70
C ARG C 8 16.72 4.94 16.49
N VAL C 9 16.33 5.64 17.56
CA VAL C 9 15.42 6.79 17.43
C VAL C 9 16.04 8.02 18.11
N LYS C 10 15.88 9.19 17.46
CA LYS C 10 16.35 10.45 18.04
C LYS C 10 15.25 11.48 17.99
N ARG C 11 15.11 12.28 19.06
CA ARG C 11 14.13 13.35 19.14
C ARG C 11 14.94 14.63 18.83
N MET C 12 15.07 14.92 17.52
CA MET C 12 15.85 16.05 17.04
C MET C 12 15.50 16.39 15.58
N ASP C 13 15.95 17.59 15.13
CA ASP C 13 15.69 18.07 13.77
C ASP C 13 16.44 17.16 12.79
N ILE C 14 15.69 16.50 11.89
CA ILE C 14 16.31 15.62 10.88
C ILE C 14 17.26 16.36 9.93
N ALA C 15 17.09 17.70 9.82
CA ALA C 15 18.02 18.48 9.01
C ALA C 15 19.42 18.55 9.62
N LYS C 16 19.57 18.15 10.88
N LYS C 16 19.60 18.17 10.90
CA LYS C 16 20.85 18.14 11.58
CA LYS C 16 20.94 18.14 11.50
C LYS C 16 21.31 16.68 11.84
C LYS C 16 21.37 16.68 11.79
N ASN C 17 20.85 15.70 11.01
CA ASN C 17 21.20 14.31 11.21
C ASN C 17 22.70 14.01 11.08
N ASP C 18 23.11 12.87 11.61
CA ASP C 18 24.50 12.41 11.61
C ASP C 18 24.65 11.15 10.76
N GLU C 19 23.79 10.98 9.72
CA GLU C 19 23.82 9.83 8.85
C GLU C 19 24.28 10.17 7.42
N GLU C 20 24.53 9.11 6.63
CA GLU C 20 25.08 9.30 5.27
C GLU C 20 24.10 9.78 4.23
N CYS C 21 22.80 9.73 4.55
CA CYS C 21 21.77 10.25 3.66
C CYS C 21 20.49 10.51 4.46
N VAL C 22 19.56 11.26 3.84
CA VAL C 22 18.32 11.58 4.55
C VAL C 22 17.12 11.24 3.68
N VAL C 23 16.00 10.88 4.33
CA VAL C 23 14.71 10.69 3.64
C VAL C 23 13.87 11.92 3.94
N ASN C 24 13.40 12.60 2.87
CA ASN C 24 12.51 13.76 3.04
C ASN C 24 11.06 13.23 2.95
N ALA C 25 10.17 13.69 3.82
CA ALA C 25 8.74 13.36 3.75
C ALA C 25 8.19 14.40 2.76
N ALA C 26 8.31 14.04 1.49
CA ALA C 26 8.05 14.92 0.36
C ALA C 26 6.59 14.98 -0.13
N ASN C 27 6.27 15.95 -1.04
CA ASN C 27 4.95 16.02 -1.67
C ASN C 27 5.19 15.71 -3.18
N PRO C 28 4.15 15.23 -3.89
CA PRO C 28 4.35 14.87 -5.30
C PRO C 28 4.88 15.98 -6.20
N ARG C 29 4.62 17.26 -5.91
CA ARG C 29 5.08 18.36 -6.79
C ARG C 29 6.55 18.75 -6.57
N GLY C 30 7.17 18.27 -5.48
CA GLY C 30 8.56 18.60 -5.22
C GLY C 30 8.76 20.02 -4.71
N LEU C 31 7.77 20.54 -4.00
CA LEU C 31 7.79 21.87 -3.41
C LEU C 31 8.32 21.86 -1.98
N PRO C 32 8.78 23.00 -1.45
CA PRO C 32 9.20 23.02 -0.04
C PRO C 32 8.06 22.62 0.90
N GLY C 33 8.42 21.93 1.97
CA GLY C 33 7.42 21.53 2.95
C GLY C 33 6.93 22.70 3.77
N ASP C 34 5.71 22.60 4.29
CA ASP C 34 5.21 23.62 5.22
C ASP C 34 5.44 23.06 6.64
N GLY C 35 5.18 23.88 7.66
CA GLY C 35 5.37 23.46 9.04
C GLY C 35 6.77 22.98 9.35
N VAL C 36 6.88 21.86 10.09
CA VAL C 36 8.17 21.32 10.49
C VAL C 36 9.02 20.77 9.33
N CYS C 37 8.38 20.30 8.26
CA CYS C 37 9.06 19.70 7.13
C CYS C 37 9.92 20.68 6.33
N LYS C 38 9.59 22.00 6.37
CA LYS C 38 10.36 23.03 5.66
C LYS C 38 11.87 22.97 5.92
N ALA C 39 12.26 22.38 7.05
CA ALA C 39 13.64 22.26 7.50
C ALA C 39 14.54 21.61 6.42
N VAL C 40 13.99 20.61 5.68
CA VAL C 40 14.76 19.91 4.65
C VAL C 40 15.07 20.83 3.50
N TYR C 41 14.08 21.63 3.07
CA TYR C 41 14.28 22.58 1.98
C TYR C 41 15.29 23.64 2.37
N LYS C 42 15.26 24.09 3.63
CA LYS C 42 16.23 25.12 4.07
C LYS C 42 17.64 24.57 4.11
N LYS C 43 17.81 23.28 4.47
CA LYS C 43 19.15 22.70 4.59
C LYS C 43 19.76 22.24 3.25
N TRP C 44 18.93 21.61 2.37
CA TRP C 44 19.41 21.05 1.11
C TRP C 44 18.54 21.52 -0.05
N PRO C 45 18.47 22.85 -0.29
CA PRO C 45 17.57 23.34 -1.35
C PRO C 45 17.91 22.80 -2.74
N GLU C 46 19.19 22.57 -3.03
CA GLU C 46 19.62 22.06 -4.32
C GLU C 46 19.04 20.70 -4.64
N SER C 47 18.71 19.90 -3.61
CA SER C 47 18.13 18.58 -3.84
C SER C 47 16.67 18.65 -4.33
N PHE C 48 16.07 19.86 -4.41
CA PHE C 48 14.69 20.02 -4.87
C PHE C 48 14.59 20.29 -6.41
N LYS C 49 15.74 20.24 -7.12
CA LYS C 49 15.74 20.38 -8.59
C LYS C 49 15.17 19.08 -9.17
N ASN C 50 14.00 19.14 -9.83
CA ASN C 50 13.37 17.97 -10.44
C ASN C 50 13.14 16.84 -9.45
N SER C 51 12.70 17.20 -8.23
CA SER C 51 12.44 16.18 -7.20
C SER C 51 11.00 15.68 -7.20
N ALA C 52 10.11 16.23 -8.04
CA ALA C 52 8.71 15.77 -8.09
C ALA C 52 8.67 14.26 -8.40
N THR C 53 7.85 13.51 -7.70
CA THR C 53 7.70 12.06 -7.88
C THR C 53 6.31 11.66 -7.35
N PRO C 54 5.64 10.63 -7.93
CA PRO C 54 4.24 10.35 -7.52
C PRO C 54 4.09 9.75 -6.13
N VAL C 55 2.84 9.75 -5.62
CA VAL C 55 2.55 9.10 -4.33
C VAL C 55 2.92 7.62 -4.39
N GLY C 56 3.54 7.12 -3.32
CA GLY C 56 3.96 5.73 -3.24
C GLY C 56 5.34 5.46 -3.80
N THR C 57 6.08 6.53 -4.20
CA THR C 57 7.41 6.36 -4.79
C THR C 57 8.47 7.18 -4.01
N ALA C 58 9.75 6.96 -4.36
CA ALA C 58 10.85 7.73 -3.81
C ALA C 58 11.78 8.11 -4.95
N LYS C 59 12.32 9.34 -4.89
CA LYS C 59 13.24 9.83 -5.92
C LYS C 59 14.42 10.50 -5.22
N THR C 60 15.66 10.07 -5.53
CA THR C 60 16.84 10.66 -4.87
C THR C 60 17.46 11.76 -5.69
N VAL C 61 17.74 12.90 -5.03
CA VAL C 61 18.43 14.01 -5.70
C VAL C 61 19.59 14.39 -4.79
N MET C 62 20.77 14.58 -5.38
N MET C 62 20.79 14.53 -5.36
CA MET C 62 21.97 14.92 -4.63
CA MET C 62 21.94 14.88 -4.55
C MET C 62 22.07 16.40 -4.32
C MET C 62 21.96 16.38 -4.25
N CYS C 63 22.52 16.73 -3.10
CA CYS C 63 22.82 18.11 -2.72
C CYS C 63 24.35 18.03 -2.54
N GLY C 64 25.14 18.44 -3.55
CA GLY C 64 26.58 18.20 -3.51
C GLY C 64 26.78 16.71 -3.77
N THR C 65 27.30 15.96 -2.79
CA THR C 65 27.35 14.50 -2.88
C THR C 65 26.41 13.85 -1.83
N TYR C 66 25.65 14.68 -1.07
CA TYR C 66 24.81 14.16 0.01
C TYR C 66 23.43 13.78 -0.56
N PRO C 67 23.01 12.49 -0.45
CA PRO C 67 21.74 12.11 -1.09
C PRO C 67 20.53 12.49 -0.26
N VAL C 68 19.52 13.07 -0.94
CA VAL C 68 18.24 13.33 -0.29
C VAL C 68 17.23 12.45 -1.02
N ILE C 69 16.62 11.50 -0.30
CA ILE C 69 15.65 10.57 -0.89
C ILE C 69 14.26 11.14 -0.63
N HIS C 70 13.60 11.69 -1.67
CA HIS C 70 12.29 12.30 -1.49
C HIS C 70 11.23 11.19 -1.57
N ALA C 71 10.61 10.86 -0.43
CA ALA C 71 9.63 9.75 -0.35
C ALA C 71 8.25 10.30 -0.16
N VAL C 72 7.33 9.95 -1.07
CA VAL C 72 5.99 10.54 -1.02
C VAL C 72 4.97 9.56 -0.45
N GLY C 73 4.65 9.74 0.82
CA GLY C 73 3.56 8.95 1.42
C GLY C 73 2.24 9.56 1.00
N PRO C 74 1.16 8.78 1.15
CA PRO C 74 -0.17 9.30 0.82
C PRO C 74 -0.66 10.30 1.86
N ASN C 75 -1.53 11.19 1.43
CA ASN C 75 -2.17 12.13 2.33
C ASN C 75 -3.51 11.47 2.68
N PHE C 76 -3.68 11.05 3.94
CA PHE C 76 -4.92 10.35 4.35
C PHE C 76 -6.14 11.27 4.44
N SER C 77 -5.99 12.60 4.22
CA SER C 77 -7.22 13.43 4.15
C SER C 77 -8.06 13.09 2.92
N ASN C 78 -7.37 12.65 1.88
CA ASN C 78 -7.81 12.39 0.54
C ASN C 78 -7.98 10.87 0.25
N TYR C 79 -7.05 10.10 0.77
CA TYR C 79 -7.01 8.65 0.54
C TYR C 79 -7.87 7.90 1.55
N THR C 80 -8.48 6.78 1.11
CA THR C 80 -9.22 5.95 2.10
C THR C 80 -8.17 5.18 2.92
N GLU C 81 -8.60 4.60 4.08
CA GLU C 81 -7.64 3.81 4.88
C GLU C 81 -7.07 2.64 4.05
N SER C 82 -7.95 1.99 3.26
CA SER C 82 -7.47 0.85 2.46
C SER C 82 -6.43 1.28 1.41
N GLU C 83 -6.78 2.30 0.59
CA GLU C 83 -5.85 2.68 -0.50
C GLU C 83 -4.57 3.30 0.06
N GLY C 84 -4.73 4.12 1.09
CA GLY C 84 -3.58 4.79 1.68
C GLY C 84 -2.62 3.80 2.33
N ASP C 85 -3.17 2.73 2.95
CA ASP C 85 -2.28 1.73 3.60
C ASP C 85 -1.34 1.10 2.55
N ARG C 86 -1.88 0.79 1.38
CA ARG C 86 -1.05 0.21 0.31
C ARG C 86 0.01 1.22 -0.20
N GLU C 87 -0.35 2.50 -0.37
CA GLU C 87 0.62 3.48 -0.87
C GLU C 87 1.71 3.78 0.16
N LEU C 88 1.33 3.74 1.46
CA LEU C 88 2.33 4.02 2.53
C LEU C 88 3.35 2.88 2.55
N ALA C 89 2.87 1.62 2.43
CA ALA C 89 3.80 0.49 2.38
C ALA C 89 4.73 0.62 1.15
N ALA C 90 4.17 1.04 0.01
CA ALA C 90 4.93 1.15 -1.23
C ALA C 90 6.00 2.23 -1.14
N ALA C 91 5.68 3.39 -0.50
CA ALA C 91 6.69 4.47 -0.39
C ALA C 91 7.88 3.96 0.42
N TYR C 92 7.61 3.20 1.52
CA TYR C 92 8.74 2.65 2.30
C TYR C 92 9.56 1.62 1.51
N ARG C 93 8.89 0.78 0.71
N ARG C 93 8.89 0.77 0.70
CA ARG C 93 9.62 -0.19 -0.12
CA ARG C 93 9.61 -0.20 -0.12
C ARG C 93 10.54 0.54 -1.12
C ARG C 93 10.55 0.54 -1.11
N GLU C 94 10.09 1.69 -1.66
CA GLU C 94 10.93 2.44 -2.58
C GLU C 94 12.10 3.10 -1.82
N VAL C 95 11.90 3.50 -0.54
CA VAL C 95 13.04 4.04 0.26
C VAL C 95 14.09 2.93 0.44
N ALA C 96 13.65 1.69 0.73
CA ALA C 96 14.61 0.59 0.91
C ALA C 96 15.42 0.35 -0.35
N LYS C 97 14.76 0.40 -1.53
CA LYS C 97 15.47 0.24 -2.79
C LYS C 97 16.51 1.36 -3.00
N GLU C 98 16.11 2.61 -2.70
CA GLU C 98 17.06 3.73 -2.90
C GLU C 98 18.24 3.66 -1.95
N VAL C 99 17.98 3.35 -0.66
CA VAL C 99 19.10 3.21 0.29
C VAL C 99 20.06 2.11 -0.17
N THR C 100 19.49 1.00 -0.70
CA THR C 100 20.35 -0.12 -1.16
C THR C 100 21.16 0.34 -2.40
N ARG C 101 20.50 0.97 -3.36
CA ARG C 101 21.17 1.44 -4.59
C ARG C 101 22.34 2.38 -4.28
N LEU C 102 22.14 3.26 -3.28
CA LEU C 102 23.18 4.24 -2.92
C LEU C 102 24.41 3.62 -2.24
N GLY C 103 24.24 2.44 -1.66
CA GLY C 103 25.36 1.78 -0.97
C GLY C 103 25.75 2.41 0.36
N VAL C 104 24.89 3.27 0.91
CA VAL C 104 25.15 3.93 2.19
C VAL C 104 25.15 2.98 3.36
N ASN C 105 25.89 3.34 4.43
CA ASN C 105 25.90 2.53 5.63
C ASN C 105 24.90 3.02 6.70
N SER C 106 24.29 4.20 6.49
CA SER C 106 23.30 4.71 7.44
C SER C 106 22.33 5.64 6.72
N VAL C 107 21.13 5.80 7.31
CA VAL C 107 20.08 6.63 6.73
C VAL C 107 19.25 7.24 7.87
N ALA C 108 18.88 8.56 7.74
CA ALA C 108 18.02 9.28 8.67
C ALA C 108 16.62 9.27 8.05
N ILE C 109 15.62 8.75 8.79
N ILE C 109 15.62 8.87 8.83
CA ILE C 109 14.26 8.62 8.22
CA ILE C 109 14.28 8.75 8.25
C ILE C 109 13.21 9.17 9.15
C ILE C 109 13.22 9.23 9.18
N PRO C 110 12.20 9.91 8.64
CA PRO C 110 11.07 10.31 9.47
C PRO C 110 9.91 9.27 9.30
N LEU C 111 8.88 9.32 10.15
CA LEU C 111 7.72 8.42 9.95
C LEU C 111 6.78 9.08 8.92
N LEU C 112 6.74 8.49 7.73
CA LEU C 112 5.93 9.03 6.64
C LEU C 112 4.43 9.02 6.99
N SER C 113 3.71 10.03 6.47
CA SER C 113 2.26 10.17 6.61
C SER C 113 1.79 10.36 8.06
N THR C 114 2.69 10.83 8.99
CA THR C 114 2.26 11.02 10.37
C THR C 114 2.03 12.49 10.78
N GLY C 115 2.35 13.42 9.90
CA GLY C 115 2.17 14.85 10.17
C GLY C 115 0.95 15.40 9.45
N VAL C 116 1.15 16.42 8.58
CA VAL C 116 0.03 17.02 7.86
C VAL C 116 -0.67 16.05 6.88
N TYR C 117 -0.02 14.90 6.55
CA TYR C 117 -0.66 13.88 5.68
C TYR C 117 -1.36 12.79 6.53
N SER C 118 -1.45 12.97 7.87
CA SER C 118 -2.08 11.93 8.69
C SER C 118 -3.60 11.87 8.63
N GLY C 119 -4.24 12.88 8.04
CA GLY C 119 -5.71 12.93 8.06
C GLY C 119 -6.29 13.08 9.46
N GLY C 120 -5.49 13.61 10.39
CA GLY C 120 -5.88 13.83 11.77
C GLY C 120 -5.88 12.60 12.66
N LYS C 121 -5.22 11.52 12.23
CA LYS C 121 -5.19 10.27 13.00
C LYS C 121 -3.77 10.00 13.51
N ASP C 122 -3.65 9.29 14.64
CA ASP C 122 -2.32 8.92 15.18
C ASP C 122 -1.89 7.70 14.37
N ARG C 123 -0.83 7.85 13.55
CA ARG C 123 -0.34 6.76 12.69
C ARG C 123 1.06 6.26 13.04
N LEU C 124 1.50 6.47 14.30
CA LEU C 124 2.83 6.00 14.71
C LEU C 124 3.04 4.50 14.44
N THR C 125 2.15 3.64 14.99
CA THR C 125 2.33 2.20 14.84
C THR C 125 2.20 1.76 13.39
N GLN C 126 1.24 2.32 12.67
CA GLN C 126 1.06 1.95 11.26
C GLN C 126 2.32 2.30 10.42
N SER C 127 2.77 3.54 10.55
CA SER C 127 3.91 4.00 9.75
C SER C 127 5.18 3.24 10.15
N LEU C 128 5.41 3.06 11.46
CA LEU C 128 6.60 2.34 11.92
C LEU C 128 6.59 0.88 11.46
N ASN C 129 5.38 0.23 11.47
CA ASN C 129 5.30 -1.15 11.00
C ASN C 129 5.70 -1.24 9.51
N HIS C 130 5.23 -0.27 8.68
CA HIS C 130 5.59 -0.31 7.26
C HIS C 130 7.10 -0.02 7.09
N LEU C 131 7.67 0.84 7.95
CA LEU C 131 9.09 1.15 7.87
C LEU C 131 9.90 -0.13 8.14
N PHE C 132 9.55 -0.84 9.23
CA PHE C 132 10.26 -2.10 9.54
C PHE C 132 10.08 -3.13 8.42
N THR C 133 8.85 -3.28 7.86
CA THR C 133 8.64 -4.29 6.81
C THR C 133 9.58 -4.05 5.61
N ALA C 134 9.82 -2.77 5.29
CA ALA C 134 10.68 -2.46 4.14
C ALA C 134 12.18 -2.47 4.50
N MET C 135 12.53 -1.93 5.69
CA MET C 135 13.95 -1.74 6.01
C MET C 135 14.61 -2.94 6.69
N ASP C 136 13.82 -3.90 7.23
CA ASP C 136 14.44 -5.04 7.93
C ASP C 136 15.46 -5.81 7.08
N SER C 137 15.21 -5.91 5.75
CA SER C 137 16.10 -6.67 4.89
C SER C 137 17.30 -5.87 4.39
N THR C 138 17.40 -4.56 4.77
CA THR C 138 18.56 -3.75 4.40
C THR C 138 19.61 -3.87 5.48
N ASP C 139 20.89 -3.56 5.16
CA ASP C 139 21.96 -3.60 6.13
C ASP C 139 22.46 -2.22 6.55
N ALA C 140 21.72 -1.15 6.25
CA ALA C 140 22.10 0.17 6.71
C ALA C 140 21.66 0.37 8.15
N ASP C 141 22.43 1.17 8.93
CA ASP C 141 21.95 1.59 10.25
C ASP C 141 20.81 2.58 9.98
N VAL C 142 19.64 2.39 10.60
CA VAL C 142 18.51 3.28 10.38
C VAL C 142 18.29 4.12 11.62
N VAL C 143 18.22 5.45 11.47
CA VAL C 143 17.98 6.34 12.61
C VAL C 143 16.71 7.09 12.33
N ILE C 144 15.67 6.82 13.15
CA ILE C 144 14.35 7.44 12.99
C ILE C 144 14.30 8.74 13.74
N TYR C 145 13.83 9.83 13.11
CA TYR C 145 13.78 11.13 13.77
C TYR C 145 12.33 11.50 14.07
N CYS C 146 12.08 12.05 15.27
CA CYS C 146 10.76 12.47 15.69
C CYS C 146 10.89 13.79 16.50
N ARG C 147 9.75 14.41 16.84
CA ARG C 147 9.75 15.69 17.56
C ARG C 147 9.16 15.56 18.97
N ASP C 148 8.20 14.67 19.12
CA ASP C 148 7.47 14.54 20.39
C ASP C 148 8.07 13.55 21.36
N LYS C 149 8.13 13.93 22.65
CA LYS C 149 8.69 13.07 23.69
C LYS C 149 7.92 11.73 23.85
N GLU C 150 6.59 11.74 23.74
CA GLU C 150 5.83 10.51 23.87
C GLU C 150 6.05 9.62 22.65
N TRP C 151 6.21 10.23 21.46
CA TRP C 151 6.50 9.43 20.25
C TRP C 151 7.88 8.80 20.36
N GLU C 152 8.87 9.55 20.89
CA GLU C 152 10.21 8.99 21.08
C GLU C 152 10.18 7.72 21.96
N LYS C 153 9.44 7.77 23.07
CA LYS C 153 9.34 6.63 23.98
C LYS C 153 8.66 5.42 23.30
N LYS C 154 7.57 5.66 22.58
CA LYS C 154 6.84 4.58 21.91
C LYS C 154 7.66 3.94 20.78
N ILE C 155 8.38 4.76 20.01
CA ILE C 155 9.23 4.21 18.93
C ILE C 155 10.38 3.42 19.54
N SER C 156 10.98 3.96 20.62
CA SER C 156 12.09 3.27 21.28
C SER C 156 11.62 1.91 21.84
N GLU C 157 10.43 1.87 22.44
CA GLU C 157 9.89 0.62 22.99
C GLU C 157 9.69 -0.41 21.88
N ALA C 158 9.16 0.03 20.73
CA ALA C 158 8.93 -0.87 19.61
C ALA C 158 10.24 -1.46 19.07
N ILE C 159 11.30 -0.63 19.01
CA ILE C 159 12.60 -1.12 18.54
C ILE C 159 13.15 -2.16 19.53
N GLN C 160 13.13 -1.82 20.83
CA GLN C 160 13.69 -2.70 21.84
C GLN C 160 12.96 -4.02 22.00
N MET C 161 11.65 -4.04 21.76
CA MET C 161 10.84 -5.26 21.89
C MET C 161 11.29 -6.39 20.96
N ARG C 162 11.86 -6.03 19.81
CA ARG C 162 12.31 -7.03 18.82
C ARG C 162 13.73 -7.54 19.03
N THR C 163 14.50 -6.93 19.94
CA THR C 163 15.87 -7.36 20.17
C THR C 163 15.98 -8.46 21.23
N PRO D 5 34.22 -32.33 -2.92
CA PRO D 5 33.00 -32.41 -2.08
C PRO D 5 31.91 -33.28 -2.74
N SER D 6 30.92 -33.68 -1.94
N SER D 6 30.90 -33.73 -1.94
CA SER D 6 29.81 -34.46 -2.46
CA SER D 6 29.79 -34.56 -2.45
C SER D 6 28.53 -33.64 -2.30
C SER D 6 28.46 -33.87 -2.17
N TYR D 7 27.51 -33.90 -3.12
CA TYR D 7 26.27 -33.16 -2.99
C TYR D 7 25.08 -34.07 -2.96
N ARG D 8 24.17 -33.77 -2.05
CA ARG D 8 22.90 -34.47 -1.95
C ARG D 8 21.78 -33.46 -1.71
N VAL D 9 20.52 -33.82 -1.97
CA VAL D 9 19.40 -32.94 -1.70
C VAL D 9 18.36 -33.69 -0.87
N LYS D 10 17.76 -33.00 0.11
CA LYS D 10 16.71 -33.58 0.91
C LYS D 10 15.52 -32.62 0.97
N ARG D 11 14.30 -33.18 0.89
CA ARG D 11 13.08 -32.38 1.00
C ARG D 11 12.57 -32.53 2.44
N MET D 12 13.00 -31.62 3.32
CA MET D 12 12.63 -31.66 4.73
C MET D 12 13.09 -30.37 5.41
N ASP D 13 12.62 -30.17 6.65
CA ASP D 13 12.95 -28.99 7.43
C ASP D 13 14.44 -29.03 7.79
N ILE D 14 15.20 -28.00 7.35
CA ILE D 14 16.64 -27.90 7.66
C ILE D 14 16.92 -27.87 9.16
N ALA D 15 15.91 -27.47 9.97
CA ALA D 15 16.08 -27.49 11.43
C ALA D 15 16.23 -28.94 11.97
N LYS D 16 15.88 -29.97 11.17
CA LYS D 16 16.01 -31.38 11.57
C LYS D 16 17.15 -32.05 10.76
N ASN D 17 18.16 -31.28 10.31
CA ASN D 17 19.23 -31.85 9.50
C ASN D 17 20.07 -32.89 10.24
N ASP D 18 20.78 -33.74 9.47
CA ASP D 18 21.65 -34.79 10.02
C ASP D 18 23.13 -34.46 9.72
N GLU D 19 23.49 -33.17 9.63
CA GLU D 19 24.85 -32.75 9.34
C GLU D 19 25.55 -32.08 10.54
N GLU D 20 26.87 -31.84 10.42
CA GLU D 20 27.66 -31.30 11.54
C GLU D 20 27.46 -29.82 11.83
N CYS D 21 26.88 -29.10 10.86
CA CYS D 21 26.60 -27.69 11.04
C CYS D 21 25.51 -27.28 10.05
N VAL D 22 24.93 -26.09 10.30
CA VAL D 22 23.85 -25.62 9.43
C VAL D 22 24.12 -24.20 8.98
N VAL D 23 23.64 -23.90 7.77
CA VAL D 23 23.69 -22.52 7.25
C VAL D 23 22.27 -21.96 7.39
N ASN D 24 22.13 -20.81 8.06
CA ASN D 24 20.85 -20.14 8.18
C ASN D 24 20.72 -19.14 6.99
N ALA D 25 19.53 -19.04 6.38
CA ALA D 25 19.26 -18.02 5.37
C ALA D 25 18.80 -16.80 6.19
N ALA D 26 19.80 -16.04 6.69
CA ALA D 26 19.59 -15.01 7.68
C ALA D 26 19.22 -13.62 7.11
N ASN D 27 18.67 -12.74 7.98
CA ASN D 27 18.49 -11.34 7.60
C ASN D 27 19.69 -10.58 8.22
N PRO D 28 19.96 -9.37 7.71
CA PRO D 28 21.15 -8.65 8.21
C PRO D 28 21.09 -8.23 9.66
N ARG D 29 19.90 -8.15 10.23
CA ARG D 29 19.72 -7.63 11.60
C ARG D 29 19.69 -8.69 12.68
N GLY D 30 19.83 -9.96 12.31
CA GLY D 30 19.79 -11.02 13.31
C GLY D 30 18.41 -11.20 13.92
N LEU D 31 17.34 -10.81 13.16
CA LEU D 31 15.98 -10.97 13.69
C LEU D 31 15.47 -12.42 13.41
N PRO D 32 14.44 -12.88 14.15
CA PRO D 32 13.90 -14.23 13.90
C PRO D 32 13.41 -14.49 12.48
N GLY D 33 12.88 -13.46 11.82
CA GLY D 33 12.48 -13.58 10.42
C GLY D 33 11.33 -14.53 10.15
N ASP D 34 11.34 -15.13 8.96
CA ASP D 34 10.32 -16.07 8.51
C ASP D 34 10.97 -17.23 7.69
N GLY D 35 10.18 -18.24 7.32
CA GLY D 35 10.70 -19.36 6.53
C GLY D 35 11.82 -20.11 7.25
N VAL D 36 12.94 -20.39 6.53
CA VAL D 36 14.11 -21.08 7.12
C VAL D 36 14.59 -20.36 8.38
N CYS D 37 14.71 -19.03 8.32
CA CYS D 37 15.25 -18.24 9.43
C CYS D 37 14.46 -18.45 10.73
N LYS D 38 13.13 -18.48 10.61
CA LYS D 38 12.26 -18.69 11.78
C LYS D 38 12.41 -20.12 12.35
N ALA D 39 12.56 -21.12 11.47
CA ALA D 39 12.74 -22.53 11.90
C ALA D 39 14.09 -22.66 12.64
N VAL D 40 15.12 -21.96 12.14
CA VAL D 40 16.45 -21.95 12.73
C VAL D 40 16.37 -21.23 14.09
N TYR D 41 15.61 -20.12 14.19
CA TYR D 41 15.46 -19.40 15.46
C TYR D 41 14.77 -20.29 16.52
N LYS D 42 13.76 -21.07 16.10
CA LYS D 42 13.08 -21.93 17.06
C LYS D 42 13.99 -23.08 17.55
N LYS D 43 14.83 -23.60 16.67
CA LYS D 43 15.69 -24.76 17.02
C LYS D 43 16.98 -24.36 17.75
N TRP D 44 17.60 -23.26 17.33
CA TRP D 44 18.90 -22.83 17.89
C TRP D 44 18.84 -21.33 18.24
N PRO D 45 17.94 -20.93 19.15
CA PRO D 45 17.80 -19.49 19.46
C PRO D 45 19.09 -18.85 20.01
N GLU D 46 19.88 -19.63 20.76
CA GLU D 46 21.13 -19.09 21.34
C GLU D 46 22.12 -18.65 20.25
N SER D 47 21.98 -19.21 19.02
CA SER D 47 22.88 -18.80 17.95
C SER D 47 22.55 -17.42 17.39
N PHE D 48 21.50 -16.74 17.88
CA PHE D 48 21.19 -15.39 17.37
C PHE D 48 21.82 -14.26 18.24
N LYS D 49 22.66 -14.63 19.23
CA LYS D 49 23.36 -13.62 20.03
C LYS D 49 24.41 -12.98 19.14
N ASN D 50 24.23 -11.69 18.81
CA ASN D 50 25.17 -10.94 17.98
C ASN D 50 25.38 -11.61 16.64
N SER D 51 24.29 -12.07 16.02
CA SER D 51 24.39 -12.70 14.69
C SER D 51 24.22 -11.70 13.55
N ALA D 52 23.85 -10.42 13.85
CA ALA D 52 23.67 -9.39 12.80
C ALA D 52 24.97 -9.27 11.99
N THR D 53 24.84 -9.22 10.66
CA THR D 53 26.04 -9.13 9.79
C THR D 53 25.55 -8.57 8.43
N PRO D 54 26.43 -7.92 7.66
CA PRO D 54 25.95 -7.28 6.43
C PRO D 54 25.55 -8.26 5.33
N VAL D 55 24.83 -7.73 4.31
CA VAL D 55 24.50 -8.52 3.12
C VAL D 55 25.80 -8.99 2.45
N GLY D 56 25.80 -10.22 1.97
CA GLY D 56 26.97 -10.78 1.29
C GLY D 56 28.01 -11.37 2.22
N THR D 57 27.70 -11.47 3.52
CA THR D 57 28.63 -12.03 4.50
C THR D 57 28.03 -13.21 5.25
N ALA D 58 28.91 -13.95 5.98
CA ALA D 58 28.45 -15.03 6.84
C ALA D 58 29.08 -14.84 8.22
N LYS D 59 28.31 -15.14 9.27
CA LYS D 59 28.82 -15.01 10.64
C LYS D 59 28.38 -16.24 11.40
N THR D 60 29.36 -16.98 11.97
CA THR D 60 29.03 -18.22 12.68
C THR D 60 28.89 -17.96 14.18
N VAL D 61 27.80 -18.47 14.77
CA VAL D 61 27.57 -18.40 16.22
C VAL D 61 27.23 -19.82 16.67
N MET D 62 27.84 -20.28 17.77
N MET D 62 27.87 -20.31 17.75
CA MET D 62 27.60 -21.63 18.30
CA MET D 62 27.57 -21.67 18.23
C MET D 62 26.32 -21.72 19.14
C MET D 62 26.26 -21.69 19.03
N CYS D 63 25.58 -22.84 19.01
CA CYS D 63 24.45 -23.13 19.88
C CYS D 63 24.96 -24.40 20.61
N GLY D 64 25.50 -24.25 21.83
CA GLY D 64 26.18 -25.37 22.48
C GLY D 64 27.50 -25.52 21.74
N THR D 65 27.74 -26.69 21.11
CA THR D 65 28.91 -26.87 20.24
C THR D 65 28.50 -26.97 18.76
N TYR D 66 27.20 -26.75 18.44
CA TYR D 66 26.69 -26.92 17.10
C TYR D 66 26.80 -25.57 16.35
N PRO D 67 27.56 -25.50 15.24
CA PRO D 67 27.75 -24.18 14.57
C PRO D 67 26.58 -23.82 13.68
N VAL D 68 26.11 -22.55 13.81
CA VAL D 68 25.07 -22.04 12.92
C VAL D 68 25.75 -20.90 12.15
N ILE D 69 25.86 -21.06 10.82
CA ILE D 69 26.53 -20.09 9.97
C ILE D 69 25.43 -19.21 9.38
N HIS D 70 25.30 -17.98 9.90
CA HIS D 70 24.26 -17.06 9.41
C HIS D 70 24.76 -16.41 8.13
N ALA D 71 24.12 -16.76 6.98
CA ALA D 71 24.56 -16.23 5.68
C ALA D 71 23.49 -15.30 5.16
N VAL D 72 23.90 -14.04 4.86
CA VAL D 72 22.92 -13.05 4.43
C VAL D 72 22.92 -12.84 2.92
N GLY D 73 21.97 -13.46 2.24
CA GLY D 73 21.82 -13.23 0.79
C GLY D 73 21.12 -11.90 0.60
N PRO D 74 21.25 -11.32 -0.60
CA PRO D 74 20.56 -10.08 -0.89
C PRO D 74 19.06 -10.27 -1.10
N ASN D 75 18.30 -9.20 -0.79
CA ASN D 75 16.88 -9.23 -1.10
C ASN D 75 16.75 -8.58 -2.47
N PHE D 76 16.33 -9.38 -3.48
CA PHE D 76 16.20 -8.87 -4.84
C PHE D 76 15.05 -7.87 -5.01
N SER D 77 14.21 -7.66 -3.98
CA SER D 77 13.25 -6.53 -4.04
C SER D 77 14.04 -5.20 -3.90
N ASN D 78 15.23 -5.21 -3.22
CA ASN D 78 15.99 -3.98 -2.96
C ASN D 78 17.16 -3.81 -3.92
N TYR D 79 17.82 -4.92 -4.31
CA TYR D 79 19.00 -4.84 -5.18
C TYR D 79 18.63 -4.98 -6.65
N THR D 80 19.45 -4.41 -7.53
CA THR D 80 19.27 -4.67 -8.97
C THR D 80 19.74 -6.12 -9.25
N GLU D 81 19.39 -6.67 -10.43
CA GLU D 81 19.86 -8.02 -10.78
C GLU D 81 21.42 -8.07 -10.75
N SER D 82 22.08 -6.99 -11.27
CA SER D 82 23.53 -6.98 -11.31
C SER D 82 24.16 -6.97 -9.91
N GLU D 83 23.72 -6.01 -9.07
CA GLU D 83 24.36 -5.91 -7.74
C GLU D 83 23.98 -7.11 -6.87
N GLY D 84 22.74 -7.58 -6.98
CA GLY D 84 22.28 -8.73 -6.19
C GLY D 84 23.02 -10.00 -6.58
N ASP D 85 23.32 -10.17 -7.89
CA ASP D 85 24.06 -11.39 -8.30
C ASP D 85 25.44 -11.44 -7.64
N ARG D 86 26.10 -10.27 -7.54
CA ARG D 86 27.43 -10.19 -6.92
C ARG D 86 27.33 -10.51 -5.40
N GLU D 87 26.32 -9.96 -4.72
CA GLU D 87 26.19 -10.21 -3.27
C GLU D 87 25.80 -11.66 -2.97
N LEU D 88 25.01 -12.29 -3.86
CA LEU D 88 24.60 -13.69 -3.65
C LEU D 88 25.83 -14.59 -3.79
N ALA D 89 26.67 -14.31 -4.83
CA ALA D 89 27.92 -15.08 -4.96
C ALA D 89 28.80 -14.89 -3.71
N ALA D 90 28.89 -13.65 -3.20
CA ALA D 90 29.74 -13.34 -2.04
C ALA D 90 29.25 -14.07 -0.79
N ALA D 91 27.92 -14.11 -0.55
CA ALA D 91 27.41 -14.80 0.67
C ALA D 91 27.83 -16.27 0.63
N TYR D 92 27.70 -16.92 -0.55
CA TYR D 92 28.12 -18.33 -0.64
C TYR D 92 29.64 -18.51 -0.47
N ARG D 93 30.45 -17.59 -1.02
N ARG D 93 30.45 -17.58 -1.03
CA ARG D 93 31.91 -17.65 -0.86
CA ARG D 93 31.91 -17.66 -0.86
C ARG D 93 32.27 -17.57 0.63
C ARG D 93 32.27 -17.58 0.64
N GLU D 94 31.56 -16.73 1.40
CA GLU D 94 31.82 -16.59 2.84
C GLU D 94 31.37 -17.84 3.60
N VAL D 95 30.30 -18.50 3.17
CA VAL D 95 29.87 -19.79 3.76
C VAL D 95 30.99 -20.82 3.56
N ALA D 96 31.53 -20.91 2.33
CA ALA D 96 32.60 -21.89 2.06
C ALA D 96 33.81 -21.65 2.95
N LYS D 97 34.19 -20.36 3.16
CA LYS D 97 35.33 -20.07 4.05
C LYS D 97 35.05 -20.54 5.47
N GLU D 98 33.82 -20.29 5.96
CA GLU D 98 33.48 -20.71 7.33
C GLU D 98 33.45 -22.23 7.48
N VAL D 99 32.87 -22.95 6.50
CA VAL D 99 32.85 -24.42 6.54
C VAL D 99 34.30 -24.96 6.59
N THR D 100 35.21 -24.41 5.76
CA THR D 100 36.62 -24.86 5.79
C THR D 100 37.26 -24.53 7.16
N ARG D 101 37.05 -23.30 7.68
CA ARG D 101 37.64 -22.90 8.97
C ARG D 101 37.18 -23.81 10.12
N LEU D 102 35.89 -24.18 10.13
CA LEU D 102 35.32 -25.04 11.20
C LEU D 102 35.83 -26.49 11.13
N GLY D 103 36.32 -26.92 9.97
CA GLY D 103 36.85 -28.28 9.82
C GLY D 103 35.80 -29.37 9.84
N VAL D 104 34.51 -29.00 9.65
CA VAL D 104 33.42 -29.96 9.64
C VAL D 104 33.50 -30.91 8.45
N ASN D 105 32.92 -32.10 8.60
CA ASN D 105 32.88 -33.06 7.50
C ASN D 105 31.60 -32.93 6.68
N SER D 106 30.57 -32.22 7.19
CA SER D 106 29.32 -32.06 6.45
C SER D 106 28.64 -30.75 6.86
N VAL D 107 27.78 -30.25 5.96
CA VAL D 107 27.05 -29.00 6.18
C VAL D 107 25.68 -29.08 5.52
N ALA D 108 24.63 -28.58 6.23
CA ALA D 108 23.27 -28.49 5.73
C ALA D 108 23.08 -27.07 5.23
N ILE D 109 22.61 -26.91 3.97
N ILE D 109 22.67 -26.90 3.94
CA ILE D 109 22.51 -25.58 3.40
CA ILE D 109 22.55 -25.57 3.34
C ILE D 109 21.22 -25.36 2.61
C ILE D 109 21.22 -25.36 2.62
N PRO D 110 20.58 -24.20 2.79
CA PRO D 110 19.38 -23.90 2.00
C PRO D 110 19.77 -23.08 0.74
N LEU D 111 18.84 -22.87 -0.22
CA LEU D 111 19.18 -22.04 -1.40
C LEU D 111 18.90 -20.57 -1.02
N LEU D 112 19.97 -19.81 -0.80
CA LEU D 112 19.84 -18.41 -0.42
C LEU D 112 19.11 -17.58 -1.48
N SER D 113 18.35 -16.60 -1.02
CA SER D 113 17.63 -15.62 -1.87
C SER D 113 16.57 -16.25 -2.79
N THR D 114 16.06 -17.45 -2.43
CA THR D 114 15.01 -18.11 -3.24
C THR D 114 13.59 -18.02 -2.69
N GLY D 115 13.45 -17.53 -1.47
CA GLY D 115 12.14 -17.39 -0.84
C GLY D 115 11.66 -15.95 -0.90
N VAL D 116 11.37 -15.36 0.29
CA VAL D 116 10.89 -13.97 0.30
C VAL D 116 11.95 -12.95 -0.16
N TYR D 117 13.23 -13.35 -0.28
CA TYR D 117 14.26 -12.43 -0.84
C TYR D 117 14.40 -12.60 -2.38
N SER D 118 13.54 -13.42 -3.02
CA SER D 118 13.67 -13.63 -4.48
C SER D 118 13.16 -12.52 -5.36
N GLY D 119 12.46 -11.54 -4.80
CA GLY D 119 11.88 -10.47 -5.59
C GLY D 119 10.82 -10.99 -6.55
N GLY D 120 10.17 -12.11 -6.19
CA GLY D 120 9.10 -12.68 -7.01
C GLY D 120 9.55 -13.49 -8.23
N LYS D 121 10.85 -13.78 -8.34
CA LYS D 121 11.42 -14.52 -9.46
C LYS D 121 11.86 -15.91 -9.01
N ASP D 122 11.85 -16.88 -9.93
CA ASP D 122 12.32 -18.25 -9.68
C ASP D 122 13.83 -18.20 -9.79
N ARG D 123 14.55 -18.34 -8.66
CA ARG D 123 16.00 -18.25 -8.61
C ARG D 123 16.70 -19.56 -8.26
N LEU D 124 16.03 -20.70 -8.46
CA LEU D 124 16.66 -22.01 -8.16
C LEU D 124 18.01 -22.16 -8.88
N THR D 125 18.03 -22.00 -10.22
CA THR D 125 19.27 -22.21 -10.96
C THR D 125 20.36 -21.22 -10.59
N GLN D 126 20.01 -19.97 -10.42
CA GLN D 126 20.97 -18.94 -10.08
C GLN D 126 21.59 -19.23 -8.70
N SER D 127 20.73 -19.45 -7.70
CA SER D 127 21.26 -19.69 -6.33
C SER D 127 22.09 -20.98 -6.27
N LEU D 128 21.60 -22.03 -6.91
CA LEU D 128 22.32 -23.33 -6.91
C LEU D 128 23.67 -23.20 -7.64
N ASN D 129 23.72 -22.42 -8.74
CA ASN D 129 24.98 -22.22 -9.46
C ASN D 129 26.03 -21.51 -8.57
N HIS D 130 25.63 -20.47 -7.82
CA HIS D 130 26.56 -19.82 -6.89
C HIS D 130 26.98 -20.78 -5.75
N LEU D 131 26.04 -21.61 -5.28
CA LEU D 131 26.35 -22.58 -4.20
C LEU D 131 27.44 -23.55 -4.68
N PHE D 132 27.26 -24.14 -5.89
CA PHE D 132 28.25 -25.11 -6.38
C PHE D 132 29.61 -24.43 -6.56
N THR D 133 29.64 -23.19 -7.11
CA THR D 133 30.91 -22.50 -7.34
C THR D 133 31.70 -22.32 -6.05
N ALA D 134 31.03 -21.88 -4.99
CA ALA D 134 31.68 -21.68 -3.70
C ALA D 134 32.01 -23.00 -3.02
N MET D 135 31.03 -23.94 -2.95
CA MET D 135 31.23 -25.15 -2.16
C MET D 135 32.21 -26.12 -2.81
N ASP D 136 32.44 -26.01 -4.13
CA ASP D 136 33.44 -26.86 -4.79
C ASP D 136 34.85 -26.62 -4.23
N SER D 137 35.08 -25.51 -3.51
CA SER D 137 36.39 -25.24 -2.90
C SER D 137 36.58 -25.96 -1.54
N THR D 138 35.52 -26.58 -1.01
CA THR D 138 35.61 -27.33 0.25
C THR D 138 35.70 -28.85 -0.03
N ASP D 139 35.96 -29.62 1.00
CA ASP D 139 35.89 -31.08 0.90
C ASP D 139 34.77 -31.68 1.78
N ALA D 140 33.82 -30.83 2.26
CA ALA D 140 32.74 -31.30 3.11
C ALA D 140 31.65 -31.96 2.26
N ASP D 141 30.89 -32.87 2.89
CA ASP D 141 29.70 -33.41 2.25
C ASP D 141 28.64 -32.31 2.38
N VAL D 142 28.02 -31.90 1.28
CA VAL D 142 27.02 -30.83 1.30
C VAL D 142 25.65 -31.41 1.10
N VAL D 143 24.70 -31.06 1.99
CA VAL D 143 23.33 -31.54 1.84
C VAL D 143 22.44 -30.30 1.71
N ILE D 144 21.81 -30.15 0.55
CA ILE D 144 20.93 -29.03 0.24
C ILE D 144 19.53 -29.35 0.68
N TYR D 145 18.88 -28.42 1.40
CA TYR D 145 17.51 -28.66 1.89
C TYR D 145 16.52 -27.79 1.13
N CYS D 146 15.37 -28.38 0.78
CA CYS D 146 14.29 -27.69 0.10
C CYS D 146 12.95 -28.21 0.65
N ARG D 147 11.82 -27.59 0.30
CA ARG D 147 10.52 -28.07 0.79
C ARG D 147 9.57 -28.49 -0.34
N ASP D 148 9.82 -28.02 -1.55
CA ASP D 148 8.93 -28.29 -2.69
C ASP D 148 9.38 -29.53 -3.49
N LYS D 149 8.42 -30.41 -3.84
CA LYS D 149 8.72 -31.62 -4.61
C LYS D 149 9.34 -31.31 -5.99
N GLU D 150 8.85 -30.29 -6.69
CA GLU D 150 9.42 -29.95 -7.99
C GLU D 150 10.83 -29.38 -7.83
N TRP D 151 11.08 -28.61 -6.77
CA TRP D 151 12.43 -28.07 -6.51
C TRP D 151 13.38 -29.23 -6.17
N GLU D 152 12.92 -30.23 -5.40
CA GLU D 152 13.75 -31.40 -5.09
C GLU D 152 14.23 -32.10 -6.35
N LYS D 153 13.29 -32.34 -7.30
CA LYS D 153 13.62 -33.01 -8.55
C LYS D 153 14.62 -32.20 -9.38
N LYS D 154 14.41 -30.87 -9.48
CA LYS D 154 15.29 -30.00 -10.26
C LYS D 154 16.67 -29.89 -9.65
N ILE D 155 16.77 -29.82 -8.30
CA ILE D 155 18.09 -29.77 -7.65
C ILE D 155 18.79 -31.10 -7.86
N SER D 156 18.07 -32.22 -7.67
CA SER D 156 18.67 -33.54 -7.88
C SER D 156 19.19 -33.71 -9.33
N GLU D 157 18.41 -33.24 -10.31
CA GLU D 157 18.83 -33.30 -11.72
C GLU D 157 20.09 -32.46 -11.93
N ALA D 158 20.16 -31.28 -11.33
CA ALA D 158 21.33 -30.43 -11.47
C ALA D 158 22.57 -31.06 -10.85
N ILE D 159 22.44 -31.75 -9.71
CA ILE D 159 23.57 -32.46 -9.10
C ILE D 159 24.07 -33.57 -10.04
N GLN D 160 23.14 -34.39 -10.55
CA GLN D 160 23.53 -35.50 -11.41
C GLN D 160 24.11 -35.07 -12.76
N MET D 161 23.66 -33.93 -13.30
CA MET D 161 24.14 -33.44 -14.61
C MET D 161 25.62 -33.08 -14.62
N ARG D 162 26.19 -32.75 -13.46
CA ARG D 162 27.61 -32.40 -13.39
C ARG D 162 28.54 -33.61 -13.20
N THR D 163 27.99 -34.79 -12.91
CA THR D 163 28.80 -35.99 -12.75
C THR D 163 29.14 -36.62 -14.13
S DMS E . -5.06 -3.75 -6.40
O DMS E . -4.83 -4.55 -5.10
C1 DMS E . -4.39 -2.07 -6.16
C2 DMS E . -6.75 -3.27 -6.53
S DMS F . -18.83 -16.62 -2.38
O DMS F . -17.50 -17.36 -2.61
C1 DMS F . -19.28 -16.91 -0.66
C2 DMS F . -20.07 -17.72 -3.08
S DMS G . -29.52 -9.08 -5.10
O DMS G . -29.14 -9.75 -3.81
C1 DMS G . -30.66 -7.74 -4.75
C2 DMS G . -30.75 -10.10 -5.92
C TRS H . -20.11 -23.79 13.68
C1 TRS H . -20.48 -22.37 14.11
C2 TRS H . -18.60 -23.92 13.44
C3 TRS H . -20.58 -24.82 14.72
N TRS H . -20.81 -24.08 12.38
O1 TRS H . -21.88 -22.23 14.41
O2 TRS H . -17.84 -23.69 14.62
O3 TRS H . -20.43 -26.15 14.25
S DMS I . -5.55 -10.38 13.48
O DMS I . -6.56 -9.28 13.59
C1 DMS I . -5.28 -10.67 11.75
C2 DMS I . -6.28 -12.01 13.82
S DMS J . -23.60 -11.19 -1.59
O DMS J . -22.89 -11.50 -0.28
C1 DMS J . -22.33 -11.03 -2.85
C2 DMS J . -24.00 -9.45 -1.55
S DMS K . -27.65 5.76 4.51
O DMS K . -26.89 6.90 5.03
C1 DMS K . -28.82 6.37 3.23
C2 DMS K . -29.07 5.44 5.61
CL CL L . -23.80 -14.77 -0.74
CL CL M . -27.58 -6.06 -3.46
CL CL N . -18.73 0.82 -7.93
S DMS O . -32.29 -28.16 2.48
O DMS O . -32.51 -26.87 1.74
C1 DMS O . -32.02 -29.46 1.24
C2 DMS O . -33.92 -28.75 3.02
S DMS P . -23.42 2.01 -8.35
O DMS P . -23.25 0.55 -8.13
C1 DMS P . -21.79 2.73 -8.06
C2 DMS P . -23.41 2.35 -10.13
S DMS Q . 0.83 -4.11 1.96
O DMS Q . -0.09 -2.89 2.01
C1 DMS Q . 1.63 -4.19 0.35
C2 DMS Q . -0.16 -5.59 1.65
S DMS R . -9.91 14.64 -20.42
O DMS R . -10.60 15.59 -19.41
C1 DMS R . -9.40 13.11 -19.64
C2 DMS R . -8.25 15.28 -20.72
S DMS S . -15.82 11.41 -20.81
O DMS S . -16.92 10.64 -20.14
C1 DMS S . -16.40 13.14 -20.98
C2 DMS S . -16.09 10.99 -22.53
S DMS T . -4.13 15.39 -24.77
O DMS T . -5.21 16.14 -24.02
C1 DMS T . -2.55 16.21 -24.41
C2 DMS T . -4.21 15.89 -26.51
CL CL U . -3.42 16.40 -20.59
CL CL V . -13.00 15.27 -22.79
S DMS W . 6.21 13.59 9.90
O DMS W . 7.39 13.08 10.70
C1 DMS W . 6.31 15.40 9.82
C2 DMS W . 6.60 13.32 8.16
CL CL X . 1.03 11.48 -7.60
CL CL Y . 3.37 14.08 6.81
S DMS Z . 22.07 26.34 5.11
O DMS Z . 21.63 25.32 4.09
C1 DMS Z . 22.03 25.65 6.76
C2 DMS Z . 20.75 27.57 5.37
S DMS AA . 4.17 17.26 3.06
O DMS AA . 5.22 17.47 2.01
C1 DMS AA . 4.76 18.12 4.53
C2 DMS AA . 4.32 15.58 3.73
N1 A1BCH BA . 5.69 13.12 14.84
N1 A1BCH BA . 5.84 13.04 14.91
C4 A1BCH BA . 6.90 12.84 14.07
C4 A1BCH BA . 7.05 12.78 14.16
C5 A1BCH BA . 4.47 13.06 14.21
C5 A1BCH BA . 4.62 13.04 14.27
C6 A1BCH BA . 3.34 13.29 14.90
C6 A1BCH BA . 3.48 13.26 14.93
C7 A1BCH BA . 3.40 13.58 16.27
C7 A1BCH BA . 3.53 13.51 16.32
C8 A1BCH BA . 4.60 13.63 16.90
C8 A1BCH BA . 4.71 13.53 16.96
C10 A1BCH BA . 10.56 15.95 11.01
C10 A1BCH BA . 10.54 16.06 11.11
C13 A1BCH BA . 10.81 16.12 8.25
C13 A1BCH BA . 10.73 16.19 8.34
C15 A1BCH BA . 11.21 17.04 10.43
C15 A1BCH BA . 10.12 14.98 10.32
F A1BCH BA . 11.97 18.16 8.51
F A1BCH BA . 9.82 14.02 8.20
C14 A1BCH BA . 11.33 17.11 9.07
C14 A1BCH BA . 10.22 15.06 8.96
BR A1BCH BA . 10.99 16.25 6.36
BR A1BCH BA . 10.92 16.25 6.45
C12 A1BCH BA . 10.16 15.04 8.80
C12 A1BCH BA . 11.12 17.26 9.10
C11 A1BCH BA . 10.04 14.96 10.18
C11 A1BCH BA . 11.03 17.19 10.48
C1 A1BCH BA . 10.49 15.82 12.53
C1 A1BCH BA . 10.50 15.96 12.62
C A1BCH BA . 11.63 14.99 13.09
C A1BCH BA . 11.70 15.21 13.19
C2 A1BCH BA . 9.19 15.25 12.95
C2 A1BCH BA . 9.23 15.29 13.03
O1 A1BCH BA . 8.11 16.05 13.02
O1 A1BCH BA . 8.11 16.02 13.05
N2 A1BCH BA . 7.05 15.24 13.48
N2 A1BCH BA . 7.09 15.16 13.49
C3 A1BCH BA . 7.61 14.08 13.62
C3 A1BCH BA . 7.71 14.03 13.68
N A1BCH BA . 8.93 14.03 13.31
N A1BCH BA . 9.05 14.07 13.40
C9 A1BCH BA . 5.83 13.40 16.20
C9 A1BCH BA . 5.95 13.30 16.27
O A1BCH BA . 6.95 13.44 16.70
O A1BCH BA . 7.07 13.31 16.80
S DMS CA . 10.88 24.24 -5.40
O DMS CA . 10.71 25.67 -4.99
C1 DMS CA . 12.44 24.13 -6.32
C2 DMS CA . 9.84 23.96 -6.85
S DMS DA . 14.60 -19.69 0.94
O DMS DA . 13.49 -19.68 1.95
C1 DMS DA . 14.98 -21.45 0.82
C2 DMS DA . 16.11 -19.39 1.88
S DMS EA . 13.60 -27.16 20.29
O DMS EA . 13.56 -27.34 18.79
C1 DMS EA . 12.34 -25.87 20.65
C2 DMS EA . 15.04 -26.12 20.72
S DMS FA . 14.32 -13.85 5.56
O DMS FA . 14.52 -13.94 7.05
C1 DMS FA . 13.30 -15.23 5.03
C2 DMS FA . 15.82 -14.31 4.65
S DMS GA . 33.17 -19.39 15.90
O DMS GA . 32.98 -20.51 14.92
C1 DMS GA . 31.61 -19.20 16.78
C2 DMS GA . 33.10 -17.78 15.07
CL CL HA . 11.78 -25.15 -1.87
CL CL IA . 15.02 -16.10 1.03
S DMS JA . 10.08 -21.63 -3.77
O DMS JA . 9.79 -23.01 -4.29
C1 DMS JA . 11.47 -21.75 -2.60
C2 DMS JA . 8.82 -21.25 -2.53
#